data_7LKT
#
_entry.id   7LKT
#
_cell.length_a   55.103
_cell.length_b   98.855
_cell.length_c   59.421
_cell.angle_alpha   90.000
_cell.angle_beta   107.910
_cell.angle_gamma   90.000
#
_symmetry.space_group_name_H-M   'P 1 21 1'
#
loop_
_entity.id
_entity.type
_entity.pdbx_description
1 polymer '3C-like proteinase'
2 non-polymer '(1S,2S)-2-((S)-2-(((adamantan-1-ylmethoxy)carbonyl)amino)-4-methylpentanamido)-1-hydroxy-3-((S)-2-oxopyrrolidin-3-yl)propane-1-sulfonic acid'
3 non-polymer '(1R,2S)-2-((S)-2-(((adamantan-1-ylmethoxy)carbonyl)amino)-4-methylpentanamido)-1-hydroxy-3-((S)-2-oxopyrrolidin-3-yl)propane-1-sulfonic acid'
4 non-polymer 'CITRATE ANION'
5 non-polymer 'TETRAETHYLENE GLYCOL'
6 water water
#
_entity_poly.entity_id   1
_entity_poly.type   'polypeptide(L)'
_entity_poly.pdbx_seq_one_letter_code
;SNIGSGFRKMAFPSGKVEGCMVQVTCGTTTLNGLWLDDVVYCPRHVICTSEDMLNPNYEDLLIRKSNHNFLVQAGNVQLR
VIGHSMQNCVLKLKVDTANPKTPKYKFVRIQPGQTFSVLACYNGSPSGVYQCAMRPNFTIKGSFLNGSCGSVGFNIDYDC
VSFCYMHHMELPTGVHAGTDLEGNFYGPFVDRQTAQAAGTDTTITVNVLAWLYAAVINGDRWFLNRFTTTLNDFNLVAMK
YNYEPLTQDHVDILGPLSAQTGIAVLDMCASLKELLQNGMNGRTILGSALLEDEFTPFDVVRQCSGVTF
;
_entity_poly.pdbx_strand_id   A,B
#
loop_
_chem_comp.id
_chem_comp.type
_chem_comp.name
_chem_comp.formula
FLC non-polymer 'CITRATE ANION' 'C6 H5 O7 -3'
PG4 non-polymer 'TETRAETHYLENE GLYCOL' 'C8 H18 O5'
Y4V non-polymer '(1R,2S)-2-((S)-2-(((adamantan-1-ylmethoxy)carbonyl)amino)-4-methylpentanamido)-1-hydroxy-3-((S)-2-oxopyrrolidin-3-yl)propane-1-sulfonic acid' 'C25 H41 N3 O8 S'
Y7M non-polymer '(1S,2S)-2-((S)-2-(((adamantan-1-ylmethoxy)carbonyl)amino)-4-methylpentanamido)-1-hydroxy-3-((S)-2-oxopyrrolidin-3-yl)propane-1-sulfonic acid' 'C25 H41 N3 O8 S'
#
# COMPACT_ATOMS: atom_id res chain seq x y z
N ARG A 8 -7.39 0.30 6.72
CA ARG A 8 -6.11 0.30 6.02
C ARG A 8 -6.29 0.27 4.51
N LYS A 9 -5.68 1.24 3.82
CA LYS A 9 -5.63 1.19 2.37
C LYS A 9 -4.76 0.00 1.97
N MET A 10 -5.37 -0.98 1.32
CA MET A 10 -4.74 -2.26 1.06
C MET A 10 -4.74 -2.54 -0.42
N ALA A 11 -3.58 -2.89 -0.95
CA ALA A 11 -3.44 -3.26 -2.34
C ALA A 11 -3.44 -4.77 -2.50
N PHE A 12 -3.73 -5.21 -3.71
CA PHE A 12 -3.61 -6.63 -4.00
C PHE A 12 -2.14 -7.04 -4.00
N PRO A 13 -1.86 -8.30 -3.64
CA PRO A 13 -0.49 -8.80 -3.80
C PRO A 13 -0.08 -8.66 -5.26
N SER A 14 1.12 -8.16 -5.48
CA SER A 14 1.60 -7.73 -6.79
C SER A 14 2.44 -8.79 -7.50
N GLY A 15 2.65 -9.95 -6.90
CA GLY A 15 3.59 -10.92 -7.50
C GLY A 15 3.21 -11.37 -8.90
N LYS A 16 1.91 -11.63 -9.14
CA LYS A 16 1.51 -12.11 -10.45
C LYS A 16 1.78 -11.08 -11.53
N VAL A 17 1.78 -9.79 -11.19
CA VAL A 17 2.07 -8.74 -12.16
C VAL A 17 3.58 -8.52 -12.30
N GLU A 18 4.31 -8.57 -11.18
CA GLU A 18 5.78 -8.41 -11.20
C GLU A 18 6.43 -9.32 -12.24
N GLY A 19 5.93 -10.56 -12.35
CA GLY A 19 6.47 -11.54 -13.28
C GLY A 19 6.21 -11.23 -14.74
N CYS A 20 5.47 -10.17 -15.02
CA CYS A 20 5.20 -9.74 -16.37
C CYS A 20 5.91 -8.44 -16.74
N MET A 21 6.61 -7.79 -15.83
CA MET A 21 7.13 -6.46 -16.16
C MET A 21 8.46 -6.57 -16.89
N VAL A 22 8.60 -5.82 -17.99
CA VAL A 22 9.84 -5.74 -18.76
C VAL A 22 10.16 -4.27 -19.04
N GLN A 23 11.37 -4.03 -19.52
CA GLN A 23 11.81 -2.71 -19.97
C GLN A 23 11.74 -2.65 -21.50
N VAL A 24 11.24 -1.54 -22.04
CA VAL A 24 11.18 -1.29 -23.50
C VAL A 24 11.89 0.01 -23.80
N THR A 25 12.83 -0.02 -24.76
CA THR A 25 13.60 1.15 -25.14
C THR A 25 13.52 1.34 -26.64
N CYS A 26 13.31 2.59 -27.04
CA CYS A 26 13.40 3.01 -28.43
CA CYS A 26 13.40 3.04 -28.42
C CYS A 26 14.22 4.30 -28.44
N GLY A 27 15.36 4.29 -29.11
CA GLY A 27 16.23 5.46 -29.05
C GLY A 27 16.76 5.65 -27.65
N THR A 28 16.50 6.82 -27.06
CA THR A 28 16.82 7.05 -25.66
C THR A 28 15.57 7.06 -24.79
N THR A 29 14.41 6.72 -25.35
CA THR A 29 13.17 6.69 -24.59
C THR A 29 12.97 5.30 -24.00
N THR A 30 12.86 5.23 -22.70
CA THR A 30 12.69 3.96 -22.02
C THR A 30 11.46 4.03 -21.14
N LEU A 31 10.70 2.95 -21.12
CA LEU A 31 9.57 2.84 -20.21
C LEU A 31 9.34 1.36 -19.96
N ASN A 32 8.21 1.03 -19.32
CA ASN A 32 7.89 -0.33 -18.94
C ASN A 32 6.91 -0.96 -19.91
N GLY A 33 7.02 -2.29 -20.08
CA GLY A 33 6.04 -3.05 -20.81
C GLY A 33 5.53 -4.22 -19.99
N LEU A 34 4.38 -4.72 -20.43
CA LEU A 34 3.66 -5.83 -19.81
C LEU A 34 3.74 -7.04 -20.75
N TRP A 35 4.45 -8.09 -20.32
CA TRP A 35 4.76 -9.27 -21.13
C TRP A 35 3.79 -10.39 -20.77
N LEU A 36 2.84 -10.65 -21.66
CA LEU A 36 1.82 -11.68 -21.48
C LEU A 36 1.88 -12.62 -22.66
N ASP A 37 2.11 -13.90 -22.37
CA ASP A 37 2.34 -14.88 -23.46
C ASP A 37 3.48 -14.35 -24.33
N ASP A 38 3.25 -14.20 -25.63
CA ASP A 38 4.34 -13.76 -26.50
C ASP A 38 4.17 -12.32 -26.98
N VAL A 39 3.47 -11.50 -26.20
CA VAL A 39 3.24 -10.10 -26.56
C VAL A 39 3.67 -9.20 -25.42
N VAL A 40 4.32 -8.10 -25.76
CA VAL A 40 4.64 -7.03 -24.80
C VAL A 40 3.77 -5.83 -25.13
N TYR A 41 3.00 -5.36 -24.15
CA TYR A 41 2.14 -4.18 -24.28
C TYR A 41 2.83 -2.99 -23.61
N CYS A 42 2.84 -1.84 -24.27
CA CYS A 42 3.48 -0.67 -23.69
C CYS A 42 2.90 0.60 -24.30
N PRO A 43 3.11 1.75 -23.67
CA PRO A 43 2.59 2.99 -24.26
C PRO A 43 3.27 3.28 -25.58
N ARG A 44 2.47 3.75 -26.56
CA ARG A 44 3.05 3.96 -27.88
C ARG A 44 4.05 5.09 -27.90
N HIS A 45 4.04 6.04 -26.93
CA HIS A 45 4.97 7.16 -26.98
C HIS A 45 6.40 6.74 -26.69
N VAL A 46 6.66 5.47 -26.46
CA VAL A 46 8.06 4.99 -26.48
C VAL A 46 8.73 5.28 -27.82
N ILE A 47 7.95 5.37 -28.90
CA ILE A 47 8.57 5.62 -30.22
C ILE A 47 8.95 7.07 -30.42
N CYS A 48 8.55 7.96 -29.52
CA CYS A 48 8.82 9.39 -29.66
C CYS A 48 10.18 9.73 -29.08
N THR A 49 10.91 10.59 -29.77
CA THR A 49 11.96 11.33 -29.08
C THR A 49 11.29 12.31 -28.11
N SER A 50 12.07 12.78 -27.13
CA SER A 50 11.50 13.78 -26.23
C SER A 50 10.95 14.97 -27.02
N GLU A 51 11.55 15.26 -28.18
CA GLU A 51 11.02 16.32 -29.04
C GLU A 51 9.70 15.93 -29.68
N ASP A 52 9.63 14.69 -30.21
CA ASP A 52 8.39 14.23 -30.81
C ASP A 52 7.24 14.36 -29.82
N MET A 53 7.50 14.11 -28.53
CA MET A 53 6.44 14.08 -27.54
C MET A 53 5.66 15.37 -27.50
N LEU A 54 6.29 16.50 -27.82
CA LEU A 54 5.61 17.79 -27.80
C LEU A 54 4.40 17.84 -28.73
N ASN A 55 4.38 17.06 -29.80
CA ASN A 55 3.20 16.94 -30.67
C ASN A 55 3.40 15.86 -31.73
N PRO A 56 2.96 14.64 -31.44
CA PRO A 56 3.31 13.50 -32.30
C PRO A 56 2.24 13.09 -33.31
N ASN A 57 2.64 12.72 -34.52
CA ASN A 57 1.80 11.96 -35.44
C ASN A 57 2.23 10.50 -35.36
N TYR A 58 1.48 9.70 -34.60
CA TYR A 58 2.02 8.40 -34.21
C TYR A 58 2.09 7.43 -35.39
N GLU A 59 1.10 7.42 -36.27
CA GLU A 59 1.17 6.53 -37.42
C GLU A 59 2.39 6.86 -38.28
N ASP A 60 2.70 8.16 -38.43
CA ASP A 60 3.89 8.57 -39.18
C ASP A 60 5.15 8.07 -38.49
N LEU A 61 5.23 8.25 -37.18
CA LEU A 61 6.42 7.84 -36.48
C LEU A 61 6.58 6.32 -36.53
N LEU A 62 5.46 5.58 -36.47
CA LEU A 62 5.56 4.13 -36.36
C LEU A 62 5.97 3.48 -37.68
N ILE A 63 5.51 4.03 -38.79
CA ILE A 63 5.91 3.46 -40.08
C ILE A 63 7.43 3.56 -40.27
N ARG A 64 8.07 4.53 -39.63
CA ARG A 64 9.51 4.72 -39.75
C ARG A 64 10.31 3.80 -38.84
N LYS A 65 9.65 2.89 -38.12
CA LYS A 65 10.30 2.00 -37.18
C LYS A 65 10.31 0.57 -37.69
N SER A 66 11.38 -0.15 -37.34
CA SER A 66 11.48 -1.58 -37.59
C SER A 66 11.42 -2.34 -36.28
N ASN A 67 11.16 -3.64 -36.38
CA ASN A 67 11.20 -4.49 -35.19
C ASN A 67 12.49 -4.30 -34.42
N HIS A 68 13.61 -4.11 -35.13
CA HIS A 68 14.91 -4.04 -34.47
C HIS A 68 15.15 -2.70 -33.80
N ASN A 69 14.28 -1.71 -33.96
CA ASN A 69 14.42 -0.47 -33.20
C ASN A 69 13.91 -0.59 -31.76
N PHE A 70 13.25 -1.69 -31.43
CA PHE A 70 12.70 -1.92 -30.08
C PHE A 70 13.61 -2.86 -29.31
N LEU A 71 14.14 -2.38 -28.19
CA LEU A 71 14.94 -3.20 -27.29
C LEU A 71 14.07 -3.56 -26.09
N VAL A 72 13.71 -4.83 -25.98
CA VAL A 72 12.93 -5.36 -24.86
C VAL A 72 13.84 -6.20 -23.97
N GLN A 73 13.85 -5.91 -22.68
CA GLN A 73 14.71 -6.61 -21.73
C GLN A 73 13.90 -7.10 -20.54
N ALA A 74 14.04 -8.39 -20.25
CA ALA A 74 13.47 -9.05 -19.09
C ALA A 74 14.67 -9.33 -18.18
N GLY A 75 14.86 -8.46 -17.19
CA GLY A 75 16.11 -8.52 -16.44
C GLY A 75 17.29 -8.34 -17.37
N ASN A 76 18.30 -9.19 -17.20
CA ASN A 76 19.49 -9.15 -18.04
C ASN A 76 19.30 -9.81 -19.40
N VAL A 77 18.08 -10.18 -19.79
CA VAL A 77 17.85 -11.01 -20.97
C VAL A 77 17.09 -10.21 -22.01
N GLN A 78 17.66 -10.08 -23.20
CA GLN A 78 17.00 -9.39 -24.30
C GLN A 78 16.02 -10.34 -25.00
N LEU A 79 14.82 -9.83 -25.27
CA LEU A 79 13.82 -10.56 -26.04
C LEU A 79 13.77 -9.99 -27.45
N ARG A 80 13.70 -10.87 -28.43
CA ARG A 80 13.70 -10.44 -29.82
C ARG A 80 12.29 -10.09 -30.25
N VAL A 81 12.11 -8.86 -30.73
CA VAL A 81 10.84 -8.44 -31.31
C VAL A 81 10.74 -8.99 -32.72
N ILE A 82 9.63 -9.68 -33.01
CA ILE A 82 9.40 -10.26 -34.33
C ILE A 82 8.18 -9.68 -35.04
N GLY A 83 7.54 -8.68 -34.46
CA GLY A 83 6.40 -8.05 -35.08
C GLY A 83 5.95 -6.93 -34.16
N HIS A 84 5.23 -5.98 -34.74
CA HIS A 84 4.69 -4.90 -33.93
C HIS A 84 3.41 -4.38 -34.55
N SER A 85 2.55 -3.86 -33.70
CA SER A 85 1.32 -3.23 -34.16
C SER A 85 0.88 -2.27 -33.07
N MET A 86 0.06 -1.32 -33.49
CA MET A 86 -0.46 -0.28 -32.62
C MET A 86 -1.97 -0.43 -32.50
N GLN A 87 -2.46 -0.37 -31.27
CA GLN A 87 -3.89 -0.43 -30.98
C GLN A 87 -4.19 0.81 -30.12
N ASN A 88 -4.82 1.81 -30.72
CA ASN A 88 -5.09 3.07 -30.03
C ASN A 88 -3.76 3.56 -29.46
N CYS A 89 -3.66 3.85 -28.17
CA CYS A 89 -2.44 4.41 -27.61
C CYS A 89 -1.48 3.38 -27.04
N VAL A 90 -1.67 2.09 -27.35
CA VAL A 90 -0.75 1.05 -26.89
CA VAL A 90 -0.80 1.01 -26.89
C VAL A 90 -0.09 0.39 -28.10
N LEU A 91 1.17 0.05 -27.91
CA LEU A 91 1.96 -0.70 -28.86
C LEU A 91 1.99 -2.15 -28.40
N LYS A 92 1.90 -3.08 -29.36
CA LYS A 92 1.92 -4.51 -29.09
C LYS A 92 3.14 -5.07 -29.79
N LEU A 93 4.10 -5.53 -29.00
CA LEU A 93 5.36 -6.03 -29.55
C LEU A 93 5.31 -7.55 -29.44
N LYS A 94 5.29 -8.21 -30.59
CA LYS A 94 5.36 -9.66 -30.63
C LYS A 94 6.81 -10.06 -30.40
N VAL A 95 7.05 -11.01 -29.49
CA VAL A 95 8.40 -11.46 -29.18
C VAL A 95 8.46 -12.96 -29.47
N ASP A 96 9.67 -13.48 -29.61
CA ASP A 96 9.83 -14.88 -29.97
C ASP A 96 9.90 -15.82 -28.77
N THR A 97 9.57 -15.35 -27.57
CA THR A 97 9.61 -16.16 -26.35
C THR A 97 8.34 -15.90 -25.54
N ALA A 98 7.68 -16.94 -25.09
CA ALA A 98 6.50 -16.79 -24.27
C ALA A 98 6.90 -16.65 -22.80
N ASN A 99 6.14 -15.83 -22.07
CA ASN A 99 6.36 -15.67 -20.63
C ASN A 99 5.72 -16.79 -19.80
N PRO A 100 6.53 -17.67 -19.21
CA PRO A 100 5.96 -18.74 -18.40
C PRO A 100 5.33 -18.26 -17.13
N LYS A 101 5.59 -17.00 -16.73
CA LYS A 101 4.98 -16.43 -15.54
C LYS A 101 3.66 -15.72 -15.84
N THR A 102 3.17 -15.81 -17.08
CA THR A 102 1.89 -15.20 -17.44
C THR A 102 0.79 -15.76 -16.54
N PRO A 103 0.08 -14.93 -15.80
CA PRO A 103 -1.05 -15.42 -15.01
C PRO A 103 -2.28 -15.59 -15.90
N LYS A 104 -3.31 -16.25 -15.35
CA LYS A 104 -4.64 -16.10 -15.90
C LYS A 104 -5.02 -14.63 -15.82
N TYR A 105 -5.46 -14.06 -16.94
CA TYR A 105 -5.73 -12.62 -16.93
C TYR A 105 -6.85 -12.27 -17.89
N LYS A 106 -7.39 -11.06 -17.70
CA LYS A 106 -8.25 -10.44 -18.69
C LYS A 106 -7.99 -8.95 -18.67
N PHE A 107 -8.44 -8.31 -19.73
CA PHE A 107 -8.40 -6.86 -19.86
C PHE A 107 -9.79 -6.32 -19.60
N VAL A 108 -9.90 -5.36 -18.71
CA VAL A 108 -11.19 -4.79 -18.39
C VAL A 108 -11.09 -3.28 -18.42
N ARG A 109 -12.21 -2.63 -18.70
CA ARG A 109 -12.30 -1.19 -18.60
C ARG A 109 -13.12 -0.86 -17.35
N ILE A 110 -12.50 -0.18 -16.39
CA ILE A 110 -13.22 0.06 -15.14
C ILE A 110 -14.08 1.32 -15.22
N GLN A 111 -15.06 1.40 -14.30
CA GLN A 111 -15.97 2.53 -14.18
C GLN A 111 -15.40 3.56 -13.19
N PRO A 112 -15.75 4.83 -13.34
CA PRO A 112 -15.33 5.81 -12.34
C PRO A 112 -15.88 5.43 -10.97
N GLY A 113 -15.06 5.63 -9.96
CA GLY A 113 -15.40 5.24 -8.61
C GLY A 113 -14.85 3.89 -8.19
N GLN A 114 -14.51 3.02 -9.15
CA GLN A 114 -13.92 1.74 -8.81
C GLN A 114 -12.45 1.90 -8.50
N THR A 115 -11.91 0.95 -7.73
CA THR A 115 -10.53 1.01 -7.27
C THR A 115 -9.69 -0.08 -7.92
N PHE A 116 -8.38 0.12 -7.84
CA PHE A 116 -7.46 -0.88 -8.38
C PHE A 116 -6.10 -0.64 -7.75
N SER A 117 -5.25 -1.64 -7.85
CA SER A 117 -3.89 -1.55 -7.36
C SER A 117 -2.99 -1.16 -8.52
N VAL A 118 -1.99 -0.33 -8.23
CA VAL A 118 -0.96 0.09 -9.18
C VAL A 118 0.36 -0.52 -8.75
N LEU A 119 1.06 -1.14 -9.71
CA LEU A 119 2.45 -1.58 -9.50
C LEU A 119 3.33 -0.57 -10.20
N ALA A 120 3.87 0.37 -9.45
CA ALA A 120 4.73 1.39 -10.04
C ALA A 120 6.07 0.77 -10.34
N CYS A 121 6.56 0.97 -11.57
CA CYS A 121 7.78 0.35 -12.09
C CYS A 121 8.64 1.41 -12.78
N TYR A 122 9.95 1.17 -12.74
CA TYR A 122 10.96 2.02 -13.39
C TYR A 122 11.99 1.10 -14.03
N ASN A 123 12.29 1.33 -15.31
CA ASN A 123 13.26 0.51 -16.03
C ASN A 123 12.93 -0.98 -15.95
N GLY A 124 11.65 -1.31 -16.04
CA GLY A 124 11.21 -2.70 -16.02
C GLY A 124 11.20 -3.36 -14.65
N SER A 125 11.57 -2.65 -13.59
CA SER A 125 11.73 -3.20 -12.24
C SER A 125 10.64 -2.65 -11.33
N PRO A 126 9.88 -3.50 -10.66
CA PRO A 126 8.84 -3.00 -9.75
C PRO A 126 9.45 -2.26 -8.57
N SER A 127 8.79 -1.14 -8.21
CA SER A 127 9.21 -0.21 -7.18
C SER A 127 8.27 -0.14 -5.99
N GLY A 128 6.96 -0.15 -6.21
CA GLY A 128 6.00 -0.03 -5.12
C GLY A 128 4.61 -0.37 -5.61
N VAL A 129 3.72 -0.64 -4.66
CA VAL A 129 2.35 -0.98 -4.96
C VAL A 129 1.44 -0.17 -4.06
N TYR A 130 0.35 0.34 -4.63
CA TYR A 130 -0.59 1.11 -3.85
C TYR A 130 -1.95 1.06 -4.52
N GLN A 131 -2.95 1.53 -3.79
CA GLN A 131 -4.34 1.46 -4.19
C GLN A 131 -4.76 2.84 -4.69
N CYS A 132 -5.53 2.85 -5.80
CA CYS A 132 -5.97 4.04 -6.56
C CYS A 132 -7.47 3.87 -6.77
N ALA A 133 -8.19 5.00 -6.87
CA ALA A 133 -9.53 5.02 -7.45
C ALA A 133 -9.51 5.72 -8.80
N MET A 134 -10.27 5.19 -9.76
CA MET A 134 -10.61 5.99 -10.94
C MET A 134 -11.54 7.13 -10.52
N ARG A 135 -11.06 8.38 -10.62
CA ARG A 135 -11.87 9.53 -10.19
C ARG A 135 -13.06 9.70 -11.13
N PRO A 136 -14.11 10.38 -10.67
CA PRO A 136 -15.23 10.65 -11.57
C PRO A 136 -14.83 11.45 -12.79
N ASN A 137 -13.79 12.30 -12.69
CA ASN A 137 -13.25 13.02 -13.84
C ASN A 137 -12.16 12.25 -14.58
N PHE A 138 -12.00 10.96 -14.27
CA PHE A 138 -11.18 10.01 -15.02
C PHE A 138 -9.70 10.30 -14.92
N THR A 139 -9.28 11.00 -13.89
CA THR A 139 -7.89 11.06 -13.48
C THR A 139 -7.68 10.04 -12.36
N ILE A 140 -6.41 9.80 -12.04
CA ILE A 140 -6.06 9.04 -10.85
C ILE A 140 -5.04 9.82 -10.05
N LYS A 141 -5.19 9.76 -8.73
CA LYS A 141 -4.30 10.50 -7.86
C LYS A 141 -3.18 9.52 -7.56
N GLY A 142 -2.25 9.43 -8.51
CA GLY A 142 -1.17 8.48 -8.44
C GLY A 142 0.10 9.06 -7.85
N SER A 143 1.10 8.19 -7.81
CA SER A 143 2.46 8.55 -7.45
CA SER A 143 2.46 8.52 -7.42
C SER A 143 3.31 7.94 -8.55
N PHE A 144 3.66 8.77 -9.51
CA PHE A 144 4.37 8.38 -10.72
C PHE A 144 5.41 9.43 -11.05
N LEU A 145 6.62 8.97 -11.38
CA LEU A 145 7.73 9.85 -11.77
C LEU A 145 8.18 9.58 -13.21
N ASN A 146 9.20 10.30 -13.67
CA ASN A 146 9.80 10.00 -14.95
C ASN A 146 10.15 8.52 -15.03
N GLY A 147 9.81 7.90 -16.15
CA GLY A 147 10.12 6.50 -16.37
C GLY A 147 9.05 5.52 -15.92
N SER A 148 7.95 5.99 -15.34
CA SER A 148 6.92 5.12 -14.81
C SER A 148 5.91 4.66 -15.83
N CYS A 149 5.92 5.24 -17.03
CA CYS A 149 4.93 4.85 -18.02
C CYS A 149 5.00 3.37 -18.33
N GLY A 150 3.85 2.78 -18.58
CA GLY A 150 3.72 1.35 -18.78
C GLY A 150 3.48 0.59 -17.51
N SER A 151 3.66 1.23 -16.36
CA SER A 151 3.14 0.67 -15.12
C SER A 151 1.64 0.42 -15.26
N VAL A 152 1.14 -0.65 -14.65
CA VAL A 152 -0.25 -1.02 -14.82
C VAL A 152 -1.02 -1.05 -13.51
N GLY A 153 -2.33 -0.90 -13.64
CA GLY A 153 -3.27 -1.09 -12.56
C GLY A 153 -4.11 -2.33 -12.79
N PHE A 154 -4.53 -2.96 -11.69
CA PHE A 154 -5.13 -4.28 -11.80
C PHE A 154 -5.94 -4.57 -10.57
N ASN A 155 -6.83 -5.54 -10.71
CA ASN A 155 -7.52 -6.18 -9.59
C ASN A 155 -7.28 -7.67 -9.73
N ILE A 156 -7.39 -8.41 -8.63
CA ILE A 156 -7.25 -9.87 -8.66
C ILE A 156 -8.51 -10.49 -8.07
N ASP A 157 -9.06 -11.46 -8.77
CA ASP A 157 -10.22 -12.24 -8.30
C ASP A 157 -9.85 -13.71 -8.45
N TYR A 158 -9.76 -14.42 -7.32
CA TYR A 158 -9.31 -15.81 -7.30
C TYR A 158 -7.89 -15.81 -7.85
N ASP A 159 -7.61 -16.49 -8.96
CA ASP A 159 -6.28 -16.51 -9.53
C ASP A 159 -6.18 -15.60 -10.75
N CYS A 160 -7.23 -14.82 -11.05
CA CYS A 160 -7.34 -14.10 -12.32
C CYS A 160 -6.98 -12.63 -12.13
N VAL A 161 -6.02 -12.17 -12.90
CA VAL A 161 -5.61 -10.76 -12.86
C VAL A 161 -6.39 -10.01 -13.93
N SER A 162 -7.17 -9.02 -13.51
CA SER A 162 -7.88 -8.15 -14.44
C SER A 162 -7.10 -6.85 -14.55
N PHE A 163 -6.45 -6.65 -15.68
CA PHE A 163 -5.72 -5.43 -15.95
C PHE A 163 -6.68 -4.35 -16.43
N CYS A 164 -6.65 -3.18 -15.79
CA CYS A 164 -7.56 -2.10 -16.13
C CYS A 164 -6.90 -0.77 -16.47
N TYR A 165 -5.59 -0.61 -16.25
CA TYR A 165 -4.96 0.69 -16.42
C TYR A 165 -3.51 0.51 -16.85
N MET A 166 -3.07 1.36 -17.76
CA MET A 166 -1.67 1.52 -18.12
C MET A 166 -1.36 3.01 -18.06
N HIS A 167 -0.23 3.35 -17.44
CA HIS A 167 0.08 4.73 -17.13
C HIS A 167 0.76 5.45 -18.31
N HIS A 168 0.30 6.67 -18.62
CA HIS A 168 0.87 7.49 -19.70
C HIS A 168 1.32 8.90 -19.33
N MET A 169 0.66 9.61 -18.42
CA MET A 169 1.02 11.01 -18.30
CA MET A 169 1.05 11.01 -18.29
C MET A 169 0.61 11.64 -16.97
N GLU A 170 1.15 12.82 -16.76
CA GLU A 170 0.84 13.64 -15.62
C GLU A 170 0.19 14.93 -16.10
N LEU A 171 -0.71 15.46 -15.29
CA LEU A 171 -1.34 16.75 -15.56
C LEU A 171 -0.69 17.84 -14.70
N PRO A 172 -0.88 19.10 -15.07
CA PRO A 172 -0.27 20.19 -14.27
C PRO A 172 -0.68 20.21 -12.81
N THR A 173 -1.89 19.74 -12.46
CA THR A 173 -2.32 19.65 -11.06
C THR A 173 -1.64 18.53 -10.29
N GLY A 174 -0.86 17.68 -10.95
CA GLY A 174 -0.13 16.63 -10.28
C GLY A 174 -0.82 15.28 -10.26
N VAL A 175 -2.04 15.19 -10.80
CA VAL A 175 -2.77 13.95 -10.98
C VAL A 175 -2.33 13.32 -12.29
N HIS A 176 -2.86 12.14 -12.57
CA HIS A 176 -2.35 11.29 -13.63
C HIS A 176 -3.46 10.80 -14.54
N ALA A 177 -3.06 10.45 -15.76
CA ALA A 177 -3.99 9.96 -16.78
C ALA A 177 -3.36 8.81 -17.55
N GLY A 178 -4.21 7.91 -18.01
CA GLY A 178 -3.76 6.76 -18.77
C GLY A 178 -4.91 6.07 -19.45
N THR A 179 -4.63 4.85 -19.90
CA THR A 179 -5.50 4.09 -20.77
C THR A 179 -5.88 2.77 -20.13
N ASP A 180 -6.89 2.14 -20.73
CA ASP A 180 -7.08 0.71 -20.53
C ASP A 180 -6.05 -0.05 -21.38
N LEU A 181 -6.11 -1.40 -21.32
CA LEU A 181 -5.12 -2.20 -22.04
C LEU A 181 -5.48 -2.35 -23.52
N GLU A 182 -6.59 -1.79 -23.97
CA GLU A 182 -6.84 -1.60 -25.40
C GLU A 182 -6.31 -0.27 -25.90
N GLY A 183 -5.68 0.54 -25.05
CA GLY A 183 -5.11 1.79 -25.48
C GLY A 183 -6.04 2.99 -25.52
N ASN A 184 -7.27 2.87 -25.01
CA ASN A 184 -8.17 4.01 -24.96
C ASN A 184 -8.06 4.76 -23.63
N PHE A 185 -7.83 6.07 -23.72
CA PHE A 185 -7.72 6.86 -22.50
C PHE A 185 -8.99 6.79 -21.69
N TYR A 186 -8.81 6.79 -20.38
CA TYR A 186 -9.85 7.26 -19.48
C TYR A 186 -9.85 8.78 -19.53
N GLY A 187 -11.01 9.36 -19.85
CA GLY A 187 -11.14 10.81 -19.83
C GLY A 187 -10.71 11.47 -21.12
N PRO A 188 -10.77 12.79 -21.14
CA PRO A 188 -10.62 13.55 -22.39
C PRO A 188 -9.18 13.91 -22.70
N PHE A 189 -8.28 13.00 -22.37
CA PHE A 189 -6.85 13.28 -22.43
C PHE A 189 -6.25 12.64 -23.67
N VAL A 190 -5.06 13.16 -24.04
CA VAL A 190 -4.34 12.72 -25.22
C VAL A 190 -2.87 12.56 -24.88
N ASP A 191 -2.22 11.58 -25.51
CA ASP A 191 -0.80 11.32 -25.28
C ASP A 191 0.06 12.26 -26.13
N ARG A 192 0.04 13.52 -25.69
CA ARG A 192 0.87 14.60 -26.22
C ARG A 192 1.42 15.34 -25.00
N GLN A 193 2.68 15.80 -25.07
CA GLN A 193 3.28 16.50 -23.93
C GLN A 193 2.83 17.96 -23.98
N THR A 194 1.60 18.16 -23.52
CA THR A 194 0.98 19.47 -23.42
CA THR A 194 1.02 19.48 -23.40
C THR A 194 0.20 19.52 -22.11
N ALA A 195 0.01 20.73 -21.60
CA ALA A 195 -0.73 20.91 -20.36
C ALA A 195 -2.20 20.65 -20.62
N GLN A 196 -2.77 19.71 -19.87
CA GLN A 196 -4.16 19.33 -20.03
C GLN A 196 -4.85 19.43 -18.68
N ALA A 197 -5.98 20.10 -18.66
CA ALA A 197 -6.83 20.15 -17.50
C ALA A 197 -7.92 19.08 -17.57
N ALA A 198 -8.34 18.60 -16.39
CA ALA A 198 -9.46 17.69 -16.32
C ALA A 198 -10.75 18.44 -16.07
N GLY A 199 -11.86 17.75 -16.27
CA GLY A 199 -13.13 18.27 -15.81
C GLY A 199 -13.19 18.34 -14.30
N THR A 200 -14.23 19.02 -13.82
CA THR A 200 -14.44 19.16 -12.39
C THR A 200 -14.57 17.79 -11.75
N ASP A 201 -13.82 17.57 -10.67
CA ASP A 201 -13.94 16.31 -9.99
C ASP A 201 -15.03 16.38 -8.93
N THR A 202 -15.55 15.22 -8.60
CA THR A 202 -16.55 15.04 -7.58
C THR A 202 -16.09 13.93 -6.66
N THR A 203 -16.75 13.87 -5.49
CA THR A 203 -16.44 12.87 -4.50
C THR A 203 -17.31 11.63 -4.71
N ILE A 204 -16.72 10.45 -4.51
CA ILE A 204 -17.39 9.18 -4.82
C ILE A 204 -18.25 8.80 -3.61
N THR A 205 -19.54 9.14 -3.69
CA THR A 205 -20.43 9.09 -2.53
C THR A 205 -20.56 7.68 -1.98
N VAL A 206 -20.79 6.70 -2.85
CA VAL A 206 -20.97 5.34 -2.36
C VAL A 206 -19.73 4.87 -1.60
N ASN A 207 -18.56 5.35 -1.99
CA ASN A 207 -17.32 4.98 -1.29
C ASN A 207 -17.20 5.69 0.07
N VAL A 208 -17.56 6.99 0.15
CA VAL A 208 -17.58 7.66 1.46
C VAL A 208 -18.50 6.91 2.41
N LEU A 209 -19.65 6.45 1.92
CA LEU A 209 -20.55 5.73 2.81
C LEU A 209 -19.93 4.43 3.28
N ALA A 210 -19.30 3.70 2.36
CA ALA A 210 -18.60 2.47 2.73
C ALA A 210 -17.56 2.73 3.82
N TRP A 211 -16.83 3.83 3.72
CA TRP A 211 -15.79 4.14 4.69
C TRP A 211 -16.37 4.62 6.02
N LEU A 212 -17.49 5.35 6.01
CA LEU A 212 -18.18 5.65 7.25
C LEU A 212 -18.63 4.36 7.93
N TYR A 213 -19.08 3.37 7.16
CA TYR A 213 -19.43 2.08 7.76
C TYR A 213 -18.20 1.39 8.33
N ALA A 214 -17.05 1.56 7.66
CA ALA A 214 -15.81 1.03 8.22
C ALA A 214 -15.46 1.75 9.51
N ALA A 215 -15.72 3.06 9.59
CA ALA A 215 -15.45 3.76 10.83
C ALA A 215 -16.27 3.18 11.97
N VAL A 216 -17.53 2.83 11.69
CA VAL A 216 -18.42 2.30 12.72
C VAL A 216 -17.97 0.91 13.16
N ILE A 217 -17.68 0.04 12.19
CA ILE A 217 -17.23 -1.33 12.50
C ILE A 217 -16.02 -1.30 13.42
N ASN A 218 -15.11 -0.36 13.22
CA ASN A 218 -13.99 -0.17 14.12
C ASN A 218 -14.31 0.80 15.27
N GLY A 219 -15.58 0.89 15.66
CA GLY A 219 -15.96 1.57 16.89
C GLY A 219 -15.89 3.08 16.87
N ASP A 220 -15.95 3.72 15.70
CA ASP A 220 -15.99 5.17 15.59
C ASP A 220 -17.42 5.52 15.18
N ARG A 221 -18.16 6.22 16.06
CA ARG A 221 -19.58 6.48 15.85
CA ARG A 221 -19.59 6.47 15.88
C ARG A 221 -19.98 7.91 16.18
N TRP A 222 -19.04 8.81 16.42
CA TRP A 222 -19.42 10.13 16.90
C TRP A 222 -20.28 10.88 15.89
N PHE A 223 -20.15 10.53 14.61
CA PHE A 223 -20.84 11.22 13.52
C PHE A 223 -22.25 10.69 13.27
N LEU A 224 -22.68 9.62 13.94
CA LEU A 224 -24.01 9.07 13.70
C LEU A 224 -25.09 9.97 14.30
N ASN A 225 -26.31 9.83 13.78
CA ASN A 225 -27.43 10.63 14.24
C ASN A 225 -28.71 9.85 14.03
N ARG A 226 -29.83 10.46 14.47
CA ARG A 226 -31.13 9.84 14.34
C ARG A 226 -31.96 10.41 13.20
N PHE A 227 -31.55 11.55 12.64
CA PHE A 227 -32.23 12.07 11.46
C PHE A 227 -32.32 10.97 10.41
N THR A 228 -33.15 11.16 9.40
CA THR A 228 -33.15 10.27 8.26
C THR A 228 -33.47 11.08 7.02
N THR A 229 -33.50 10.39 5.88
CA THR A 229 -33.63 11.10 4.63
C THR A 229 -34.15 10.13 3.59
N THR A 230 -34.84 10.68 2.61
CA THR A 230 -35.11 9.96 1.38
C THR A 230 -33.88 9.96 0.49
N LEU A 231 -33.87 9.01 -0.43
CA LEU A 231 -32.76 8.92 -1.38
C LEU A 231 -32.67 10.21 -2.21
N ASN A 232 -33.79 10.69 -2.72
CA ASN A 232 -33.70 11.89 -3.57
C ASN A 232 -33.27 13.12 -2.80
N ASP A 233 -33.78 13.30 -1.58
CA ASP A 233 -33.37 14.46 -0.79
C ASP A 233 -31.89 14.40 -0.45
N PHE A 234 -31.37 13.20 -0.16
CA PHE A 234 -29.92 13.08 0.03
C PHE A 234 -29.18 13.45 -1.23
N ASN A 235 -29.65 12.97 -2.38
CA ASN A 235 -28.95 13.24 -3.63
C ASN A 235 -28.95 14.73 -3.95
N LEU A 236 -30.01 15.46 -3.58
CA LEU A 236 -30.00 16.91 -3.80
C LEU A 236 -28.87 17.58 -3.02
N VAL A 237 -28.69 17.18 -1.77
CA VAL A 237 -27.65 17.77 -0.94
C VAL A 237 -26.29 17.32 -1.43
N ALA A 238 -26.17 16.04 -1.77
CA ALA A 238 -24.92 15.52 -2.29
C ALA A 238 -24.44 16.33 -3.48
N MET A 239 -25.33 16.52 -4.45
CA MET A 239 -24.94 17.23 -5.65
C MET A 239 -24.55 18.67 -5.36
N LYS A 240 -25.20 19.31 -4.38
CA LYS A 240 -24.84 20.68 -4.01
C LYS A 240 -23.39 20.76 -3.55
N TYR A 241 -22.89 19.69 -2.93
CA TYR A 241 -21.53 19.62 -2.40
C TYR A 241 -20.56 18.92 -3.36
N ASN A 242 -20.93 18.78 -4.62
CA ASN A 242 -20.08 18.15 -5.61
C ASN A 242 -19.76 16.72 -5.20
N TYR A 243 -20.78 16.02 -4.74
CA TYR A 243 -20.75 14.59 -4.52
C TYR A 243 -21.57 13.91 -5.61
N GLU A 244 -21.14 12.70 -5.99
CA GLU A 244 -21.85 11.95 -7.00
C GLU A 244 -23.22 11.51 -6.49
N PRO A 245 -24.19 11.39 -7.38
CA PRO A 245 -25.49 10.84 -6.96
C PRO A 245 -25.31 9.40 -6.51
N LEU A 246 -26.17 9.01 -5.56
CA LEU A 246 -26.28 7.63 -5.12
C LEU A 246 -27.46 6.98 -5.82
N THR A 247 -27.22 5.86 -6.47
CA THR A 247 -28.27 5.11 -7.14
C THR A 247 -28.78 4.00 -6.24
N GLN A 248 -29.93 3.45 -6.63
CA GLN A 248 -30.46 2.30 -5.88
C GLN A 248 -29.48 1.12 -5.92
N ASP A 249 -28.79 0.92 -7.05
CA ASP A 249 -27.75 -0.10 -7.10
C ASP A 249 -26.68 0.14 -6.03
N HIS A 250 -26.30 1.40 -5.80
CA HIS A 250 -25.37 1.72 -4.72
C HIS A 250 -25.95 1.34 -3.37
N VAL A 251 -27.23 1.63 -3.16
CA VAL A 251 -27.87 1.29 -1.90
C VAL A 251 -27.84 -0.22 -1.69
N ASP A 252 -28.10 -0.99 -2.75
CA ASP A 252 -28.07 -2.44 -2.63
C ASP A 252 -26.66 -2.93 -2.31
N ILE A 253 -25.67 -2.41 -3.02
CA ILE A 253 -24.27 -2.79 -2.84
C ILE A 253 -23.82 -2.56 -1.40
N LEU A 254 -24.44 -1.61 -0.71
CA LEU A 254 -24.09 -1.32 0.68
C LEU A 254 -24.82 -2.21 1.67
N GLY A 255 -25.75 -3.04 1.21
CA GLY A 255 -26.58 -3.84 2.07
C GLY A 255 -25.78 -4.61 3.12
N PRO A 256 -24.84 -5.43 2.68
CA PRO A 256 -24.06 -6.22 3.64
C PRO A 256 -23.46 -5.39 4.76
N LEU A 257 -22.88 -4.22 4.43
CA LEU A 257 -22.37 -3.34 5.47
C LEU A 257 -23.49 -2.80 6.35
N SER A 258 -24.66 -2.55 5.76
CA SER A 258 -25.79 -2.10 6.56
C SER A 258 -26.24 -3.19 7.52
N ALA A 259 -26.32 -4.43 7.04
CA ALA A 259 -26.67 -5.56 7.90
C ALA A 259 -25.67 -5.73 9.02
N GLN A 260 -24.38 -5.72 8.71
CA GLN A 260 -23.36 -5.95 9.72
C GLN A 260 -23.51 -4.96 10.88
N THR A 261 -23.67 -3.69 10.56
CA THR A 261 -23.72 -2.67 11.59
C THR A 261 -25.13 -2.38 12.09
N GLY A 262 -26.15 -2.89 11.39
CA GLY A 262 -27.53 -2.55 11.71
C GLY A 262 -27.91 -1.09 11.49
N ILE A 263 -27.14 -0.34 10.72
CA ILE A 263 -27.49 1.03 10.36
C ILE A 263 -27.99 1.04 8.93
N ALA A 264 -29.22 1.47 8.72
CA ALA A 264 -29.78 1.47 7.38
C ALA A 264 -29.03 2.46 6.50
N VAL A 265 -28.99 2.14 5.21
CA VAL A 265 -28.24 2.95 4.25
C VAL A 265 -28.69 4.40 4.31
N LEU A 266 -30.00 4.63 4.25
CA LEU A 266 -30.47 6.01 4.26
C LEU A 266 -30.22 6.70 5.61
N ASP A 267 -30.13 5.93 6.70
CA ASP A 267 -29.70 6.50 7.98
C ASP A 267 -28.25 6.98 7.92
N MET A 268 -27.37 6.18 7.30
CA MET A 268 -25.98 6.62 7.11
C MET A 268 -25.92 7.79 6.13
N CYS A 269 -26.80 7.82 5.12
CA CYS A 269 -26.92 8.98 4.26
C CYS A 269 -27.24 10.25 5.07
N ALA A 270 -28.13 10.13 6.06
CA ALA A 270 -28.44 11.26 6.93
C ALA A 270 -27.24 11.72 7.77
N SER A 271 -26.40 10.78 8.21
CA SER A 271 -25.17 11.17 8.89
C SER A 271 -24.22 11.92 7.97
N LEU A 272 -24.06 11.42 6.75
CA LEU A 272 -23.17 12.09 5.80
C LEU A 272 -23.70 13.47 5.43
N LYS A 273 -25.01 13.61 5.28
CA LYS A 273 -25.59 14.93 5.01
C LYS A 273 -25.20 15.94 6.10
N GLU A 274 -25.27 15.53 7.37
CA GLU A 274 -24.91 16.41 8.48
C GLU A 274 -23.43 16.78 8.42
N LEU A 275 -22.56 15.81 8.10
CA LEU A 275 -21.13 16.10 7.94
C LEU A 275 -20.87 17.11 6.80
N LEU A 276 -21.58 16.97 5.68
CA LEU A 276 -21.39 17.92 4.58
C LEU A 276 -21.84 19.31 4.98
N GLN A 277 -22.92 19.41 5.75
CA GLN A 277 -23.47 20.72 6.09
C GLN A 277 -22.76 21.35 7.28
N ASN A 278 -22.32 20.54 8.23
CA ASN A 278 -21.72 21.05 9.47
C ASN A 278 -20.20 20.95 9.50
N GLY A 279 -19.62 20.00 8.77
CA GLY A 279 -18.20 19.75 8.85
C GLY A 279 -17.87 18.76 9.96
N MET A 280 -16.57 18.52 10.12
CA MET A 280 -16.09 17.62 11.16
C MET A 280 -15.74 18.33 12.46
N ASN A 281 -15.74 19.65 12.47
CA ASN A 281 -15.45 20.42 13.69
C ASN A 281 -14.13 19.96 14.32
N GLY A 282 -13.10 19.89 13.48
CA GLY A 282 -11.77 19.52 13.94
C GLY A 282 -11.65 18.10 14.46
N ARG A 283 -12.71 17.30 14.31
CA ARG A 283 -12.65 15.90 14.69
C ARG A 283 -12.10 15.06 13.53
N THR A 284 -11.94 13.76 13.76
CA THR A 284 -11.42 12.86 12.74
C THR A 284 -12.21 11.57 12.72
N ILE A 285 -12.14 10.90 11.58
CA ILE A 285 -12.75 9.60 11.37
C ILE A 285 -11.69 8.68 10.80
N LEU A 286 -11.53 7.50 11.41
CA LEU A 286 -10.44 6.58 11.08
C LEU A 286 -9.13 7.35 10.87
N GLY A 287 -8.87 8.29 11.78
CA GLY A 287 -7.65 9.06 11.74
C GLY A 287 -7.61 10.17 10.72
N SER A 288 -8.66 10.36 9.92
CA SER A 288 -8.65 11.32 8.83
C SER A 288 -9.45 12.56 9.21
N ALA A 289 -8.92 13.73 8.85
CA ALA A 289 -9.64 14.99 8.98
C ALA A 289 -10.51 15.31 7.78
N LEU A 290 -10.49 14.45 6.76
CA LEU A 290 -11.30 14.60 5.57
C LEU A 290 -12.05 13.29 5.33
N LEU A 291 -13.19 13.39 4.67
CA LEU A 291 -13.91 12.20 4.27
C LEU A 291 -13.18 11.49 3.14
N GLU A 292 -13.02 10.19 3.27
CA GLU A 292 -12.21 9.39 2.36
C GLU A 292 -13.13 8.69 1.36
N ASP A 293 -12.80 8.77 0.05
CA ASP A 293 -13.69 8.18 -0.95
C ASP A 293 -13.00 7.20 -1.90
N GLU A 294 -11.86 6.61 -1.51
CA GLU A 294 -11.19 5.64 -2.38
C GLU A 294 -11.21 4.22 -1.81
N PHE A 295 -12.24 3.90 -1.01
CA PHE A 295 -12.57 2.55 -0.62
C PHE A 295 -13.97 2.22 -1.14
N THR A 296 -14.09 1.16 -1.91
CA THR A 296 -15.38 0.70 -2.38
C THR A 296 -16.07 -0.12 -1.31
N PRO A 297 -17.36 -0.39 -1.46
CA PRO A 297 -18.01 -1.32 -0.53
C PRO A 297 -17.32 -2.66 -0.50
N PHE A 298 -16.98 -3.19 -1.69
CA PHE A 298 -16.27 -4.46 -1.77
C PHE A 298 -14.92 -4.39 -1.07
N ASP A 299 -14.17 -3.31 -1.28
CA ASP A 299 -12.93 -3.14 -0.55
C ASP A 299 -13.16 -3.28 0.95
N VAL A 300 -14.20 -2.61 1.46
CA VAL A 300 -14.41 -2.59 2.91
C VAL A 300 -14.75 -3.98 3.41
N VAL A 301 -15.65 -4.67 2.69
CA VAL A 301 -16.06 -6.02 3.08
C VAL A 301 -14.87 -6.94 3.14
N ARG A 302 -14.17 -7.10 2.01
CA ARG A 302 -13.01 -7.99 1.92
C ARG A 302 -12.09 -7.86 3.13
N GLN A 303 -11.76 -6.63 3.49
CA GLN A 303 -10.96 -6.35 4.67
C GLN A 303 -11.77 -6.47 5.97
N CYS A 304 -13.07 -6.75 5.87
CA CYS A 304 -13.98 -6.75 7.02
C CYS A 304 -13.74 -5.54 7.92
N GLY B 6 1.72 12.28 -4.99
CA GLY B 6 1.63 13.25 -3.92
C GLY B 6 1.54 12.64 -2.52
N PHE B 7 2.37 11.63 -2.28
CA PHE B 7 2.47 10.94 -1.00
C PHE B 7 1.27 10.03 -0.79
N ARG B 8 1.33 8.88 -1.43
CA ARG B 8 0.53 7.71 -1.10
C ARG B 8 1.28 6.86 -0.08
N LYS B 9 0.53 6.13 0.74
CA LYS B 9 1.10 4.99 1.42
C LYS B 9 1.44 3.93 0.37
N MET B 10 2.73 3.69 0.17
CA MET B 10 3.22 2.81 -0.89
C MET B 10 3.93 1.63 -0.27
N ALA B 11 3.44 0.43 -0.56
CA ALA B 11 4.07 -0.77 -0.07
C ALA B 11 5.15 -1.23 -1.05
N PHE B 12 6.08 -2.05 -0.57
CA PHE B 12 6.99 -2.74 -1.46
C PHE B 12 6.26 -3.81 -2.28
N PRO B 13 6.72 -4.07 -3.51
CA PRO B 13 6.16 -5.19 -4.27
C PRO B 13 6.32 -6.46 -3.45
N SER B 14 5.25 -7.23 -3.38
CA SER B 14 5.18 -8.34 -2.45
C SER B 14 5.57 -9.69 -3.02
N GLY B 15 5.90 -9.77 -4.31
CA GLY B 15 6.05 -11.08 -4.94
C GLY B 15 7.12 -11.96 -4.30
N LYS B 16 8.24 -11.36 -3.89
CA LYS B 16 9.32 -12.13 -3.29
C LYS B 16 8.87 -12.75 -1.98
N VAL B 17 7.93 -12.11 -1.28
CA VAL B 17 7.39 -12.68 -0.05
C VAL B 17 6.25 -13.64 -0.32
N GLU B 18 5.41 -13.37 -1.31
CA GLU B 18 4.38 -14.32 -1.70
C GLU B 18 4.97 -15.69 -1.97
N GLY B 19 6.16 -15.71 -2.59
CA GLY B 19 6.86 -16.94 -2.91
C GLY B 19 7.37 -17.72 -1.72
N CYS B 20 7.23 -17.18 -0.50
CA CYS B 20 7.70 -17.80 0.72
C CYS B 20 6.57 -18.18 1.66
N MET B 21 5.32 -17.91 1.34
CA MET B 21 4.25 -18.15 2.30
C MET B 21 3.70 -19.56 2.19
N VAL B 22 3.55 -20.20 3.34
CA VAL B 22 2.94 -21.52 3.47
C VAL B 22 1.92 -21.51 4.61
N GLN B 23 1.16 -22.58 4.71
CA GLN B 23 0.31 -22.76 5.87
C GLN B 23 0.86 -23.87 6.78
N VAL B 24 0.68 -23.68 8.07
CA VAL B 24 1.08 -24.63 9.09
C VAL B 24 -0.16 -24.95 9.94
N THR B 25 -0.46 -26.24 10.05
CA THR B 25 -1.63 -26.69 10.81
C THR B 25 -1.25 -27.71 11.88
N CYS B 26 -1.80 -27.51 13.08
CA CYS B 26 -1.83 -28.52 14.13
C CYS B 26 -3.30 -28.79 14.41
N GLY B 27 -3.76 -29.99 14.10
CA GLY B 27 -5.17 -30.26 14.32
C GLY B 27 -6.06 -29.51 13.36
N THR B 28 -6.88 -28.59 13.91
CA THR B 28 -7.68 -27.67 13.11
C THR B 28 -7.15 -26.24 13.16
N THR B 29 -6.08 -26.00 13.91
CA THR B 29 -5.48 -24.67 14.07
C THR B 29 -4.53 -24.44 12.90
N THR B 30 -4.87 -23.51 12.00
CA THR B 30 -4.03 -23.22 10.85
C THR B 30 -3.57 -21.78 10.92
N LEU B 31 -2.27 -21.56 10.78
CA LEU B 31 -1.79 -20.19 10.59
C LEU B 31 -0.75 -20.22 9.49
N ASN B 32 -0.16 -19.06 9.23
CA ASN B 32 0.79 -18.90 8.15
C ASN B 32 2.22 -19.14 8.63
N GLY B 33 3.05 -19.65 7.70
CA GLY B 33 4.46 -19.76 7.92
C GLY B 33 5.26 -19.18 6.76
N LEU B 34 6.54 -18.97 7.04
CA LEU B 34 7.50 -18.37 6.12
C LEU B 34 8.55 -19.41 5.78
N TRP B 35 8.64 -19.78 4.51
CA TRP B 35 9.48 -20.88 4.04
C TRP B 35 10.70 -20.29 3.35
N LEU B 36 11.84 -20.41 4.01
CA LEU B 36 13.10 -19.89 3.49
C LEU B 36 14.16 -20.98 3.55
N ASP B 37 14.75 -21.29 2.40
CA ASP B 37 15.66 -22.43 2.28
C ASP B 37 14.87 -23.64 2.79
N ASP B 38 15.41 -24.44 3.71
CA ASP B 38 14.71 -25.63 4.19
C ASP B 38 14.13 -25.48 5.60
N VAL B 39 13.76 -24.25 5.98
CA VAL B 39 13.15 -24.02 7.27
C VAL B 39 11.85 -23.24 7.07
N VAL B 40 10.84 -23.59 7.84
CA VAL B 40 9.59 -22.85 7.94
C VAL B 40 9.50 -22.23 9.34
N TYR B 41 9.24 -20.92 9.38
CA TYR B 41 9.09 -20.15 10.60
C TYR B 41 7.63 -19.79 10.83
N CYS B 42 7.13 -19.94 12.05
CA CYS B 42 5.74 -19.56 12.31
C CYS B 42 5.56 -19.27 13.80
N PRO B 43 4.44 -18.67 14.18
CA PRO B 43 4.18 -18.42 15.61
C PRO B 43 4.02 -19.73 16.36
N ARG B 44 4.58 -19.78 17.57
CA ARG B 44 4.54 -21.04 18.29
C ARG B 44 3.15 -21.36 18.79
N HIS B 45 2.21 -20.40 18.87
CA HIS B 45 0.89 -20.74 19.39
C HIS B 45 0.06 -21.60 18.43
N VAL B 46 0.60 -21.97 17.26
CA VAL B 46 -0.02 -23.00 16.43
C VAL B 46 -0.18 -24.30 17.21
N ILE B 47 0.62 -24.52 18.25
CA ILE B 47 0.56 -25.79 18.98
C ILE B 47 -0.46 -25.77 20.11
N CYS B 48 -1.13 -24.64 20.34
CA CYS B 48 -2.09 -24.48 21.43
C CYS B 48 -3.46 -24.99 21.04
N THR B 49 -4.17 -25.53 22.03
CA THR B 49 -5.61 -25.67 21.95
C THR B 49 -6.27 -24.48 22.63
N SER B 50 -7.59 -24.39 22.49
CA SER B 50 -8.33 -23.28 23.06
C SER B 50 -8.32 -23.27 24.59
N GLU B 51 -7.70 -24.29 25.20
CA GLU B 51 -7.52 -24.32 26.65
C GLU B 51 -6.10 -23.98 27.07
N ASP B 52 -5.14 -24.16 26.17
CA ASP B 52 -3.76 -23.77 26.45
C ASP B 52 -3.56 -22.26 26.40
N MET B 53 -4.49 -21.53 25.79
CA MET B 53 -4.17 -20.19 25.32
C MET B 53 -4.15 -19.14 26.41
N LEU B 54 -4.74 -19.39 27.59
CA LEU B 54 -4.73 -18.36 28.63
C LEU B 54 -3.34 -18.20 29.25
N ASN B 55 -2.66 -19.32 29.48
CA ASN B 55 -1.27 -19.30 29.94
C ASN B 55 -0.62 -20.58 29.50
N PRO B 56 -0.30 -20.70 28.22
CA PRO B 56 0.28 -21.95 27.73
C PRO B 56 1.66 -22.19 28.31
N ASN B 57 1.91 -23.45 28.64
CA ASN B 57 3.26 -23.92 28.95
C ASN B 57 3.84 -24.41 27.64
N TYR B 58 4.44 -23.50 26.90
CA TYR B 58 4.85 -23.82 25.53
C TYR B 58 5.89 -24.94 25.50
N GLU B 59 6.81 -24.94 26.47
CA GLU B 59 7.83 -26.00 26.49
C GLU B 59 7.19 -27.37 26.66
N ASP B 60 6.21 -27.48 27.57
CA ASP B 60 5.49 -28.73 27.75
C ASP B 60 4.65 -29.09 26.52
N LEU B 61 3.98 -28.09 25.94
CA LEU B 61 3.17 -28.35 24.76
C LEU B 61 4.03 -28.86 23.62
N LEU B 62 5.27 -28.36 23.50
CA LEU B 62 6.12 -28.76 22.38
C LEU B 62 6.66 -30.17 22.59
N ILE B 63 6.96 -30.52 23.83
CA ILE B 63 7.35 -31.89 24.15
C ILE B 63 6.30 -32.88 23.67
N ARG B 64 5.03 -32.53 23.78
CA ARG B 64 3.96 -33.42 23.34
C ARG B 64 3.80 -33.48 21.82
N LYS B 65 4.52 -32.64 21.07
CA LYS B 65 4.46 -32.68 19.60
C LYS B 65 5.62 -33.45 18.98
N SER B 66 5.31 -34.10 17.85
CA SER B 66 6.29 -34.76 16.99
C SER B 66 6.30 -34.08 15.63
N ASN B 67 7.35 -34.33 14.86
CA ASN B 67 7.36 -33.87 13.46
C ASN B 67 6.07 -34.26 12.75
N HIS B 68 5.60 -35.50 12.96
CA HIS B 68 4.43 -35.95 12.21
C HIS B 68 3.11 -35.33 12.69
N ASN B 69 3.10 -34.40 13.68
CA ASN B 69 1.90 -33.68 14.07
C ASN B 69 1.72 -32.36 13.30
N PHE B 70 2.73 -31.96 12.52
CA PHE B 70 2.73 -30.68 11.80
C PHE B 70 2.41 -30.89 10.33
N LEU B 71 1.32 -30.30 9.87
CA LEU B 71 0.96 -30.28 8.47
C LEU B 71 1.37 -28.94 7.88
N VAL B 72 2.41 -28.96 7.05
CA VAL B 72 2.93 -27.78 6.38
C VAL B 72 2.56 -27.93 4.90
N GLN B 73 1.90 -26.92 4.33
CA GLN B 73 1.48 -26.99 2.94
C GLN B 73 1.80 -25.71 2.21
N ALA B 74 2.25 -25.85 0.96
CA ALA B 74 2.38 -24.74 0.02
C ALA B 74 1.25 -24.98 -0.96
N GLY B 75 0.26 -24.10 -0.93
CA GLY B 75 -1.00 -24.47 -1.56
C GLY B 75 -1.54 -25.74 -0.96
N ASN B 76 -1.85 -26.71 -1.81
CA ASN B 76 -2.35 -28.01 -1.38
C ASN B 76 -1.26 -29.06 -1.24
N VAL B 77 0.00 -28.70 -1.48
CA VAL B 77 1.08 -29.65 -1.56
C VAL B 77 1.80 -29.70 -0.22
N GLN B 78 1.82 -30.88 0.39
CA GLN B 78 2.44 -31.04 1.69
C GLN B 78 3.96 -31.04 1.61
N LEU B 79 4.57 -30.37 2.58
CA LEU B 79 5.99 -30.31 2.80
C LEU B 79 6.36 -31.12 4.03
N ARG B 80 7.21 -32.14 3.86
CA ARG B 80 7.54 -33.05 4.96
C ARG B 80 8.42 -32.37 6.01
N VAL B 81 7.98 -32.42 7.25
CA VAL B 81 8.72 -31.89 8.39
C VAL B 81 9.68 -32.95 8.93
N ILE B 82 10.96 -32.58 9.06
CA ILE B 82 12.03 -33.46 9.52
C ILE B 82 12.68 -32.99 10.82
N GLY B 83 12.25 -31.87 11.38
CA GLY B 83 12.73 -31.49 12.70
C GLY B 83 11.96 -30.28 13.17
N HIS B 84 11.98 -30.06 14.48
CA HIS B 84 11.24 -28.95 15.05
C HIS B 84 12.00 -28.42 16.25
N SER B 85 12.03 -27.09 16.37
CA SER B 85 12.54 -26.45 17.57
C SER B 85 11.83 -25.12 17.78
N MET B 86 11.99 -24.57 18.97
CA MET B 86 11.37 -23.32 19.38
C MET B 86 12.46 -22.31 19.66
N GLN B 87 12.32 -21.12 19.11
CA GLN B 87 13.24 -20.01 19.38
C GLN B 87 12.38 -18.84 19.85
N ASN B 88 12.45 -18.54 21.15
CA ASN B 88 11.58 -17.52 21.71
C ASN B 88 10.14 -17.83 21.33
N CYS B 89 9.42 -16.93 20.66
CA CYS B 89 8.01 -17.19 20.36
C CYS B 89 7.76 -17.73 18.93
N VAL B 90 8.79 -18.18 18.25
CA VAL B 90 8.63 -18.74 16.91
CA VAL B 90 8.69 -18.72 16.89
C VAL B 90 9.04 -20.20 16.92
N LEU B 91 8.27 -20.96 16.17
CA LEU B 91 8.59 -22.34 15.86
C LEU B 91 9.39 -22.39 14.56
N LYS B 92 10.43 -23.21 14.56
CA LYS B 92 11.19 -23.49 13.35
C LYS B 92 10.99 -24.97 13.02
N LEU B 93 10.42 -25.19 11.87
CA LEU B 93 10.19 -26.53 11.31
C LEU B 93 11.17 -26.74 10.15
N LYS B 94 12.12 -27.66 10.33
CA LYS B 94 12.99 -28.07 9.23
C LYS B 94 12.21 -28.98 8.29
N VAL B 95 12.34 -28.72 6.98
CA VAL B 95 11.61 -29.46 5.96
C VAL B 95 12.62 -30.08 5.01
N ASP B 96 12.14 -31.04 4.20
CA ASP B 96 13.06 -31.79 3.35
C ASP B 96 13.25 -31.18 1.98
N THR B 97 12.69 -30.00 1.75
CA THR B 97 12.80 -29.34 0.46
C THR B 97 13.23 -27.89 0.65
N ALA B 98 14.21 -27.45 -0.11
CA ALA B 98 14.61 -26.04 -0.08
C ALA B 98 13.66 -25.26 -0.98
N ASN B 99 13.12 -24.16 -0.47
CA ASN B 99 12.18 -23.36 -1.27
C ASN B 99 12.87 -22.79 -2.49
N PRO B 100 12.48 -23.21 -3.71
CA PRO B 100 13.14 -22.67 -4.91
C PRO B 100 12.92 -21.18 -5.13
N LYS B 101 11.93 -20.60 -4.46
CA LYS B 101 11.65 -19.17 -4.57
C LYS B 101 12.31 -18.36 -3.46
N THR B 102 13.21 -18.95 -2.68
CA THR B 102 13.87 -18.22 -1.60
C THR B 102 14.60 -17.02 -2.18
N PRO B 103 14.26 -15.79 -1.75
CA PRO B 103 15.02 -14.62 -2.18
C PRO B 103 16.30 -14.48 -1.37
N LYS B 104 17.15 -13.54 -1.79
CA LYS B 104 18.15 -13.05 -0.86
C LYS B 104 17.40 -12.41 0.31
N TYR B 105 17.82 -12.72 1.54
CA TYR B 105 17.08 -12.22 2.69
C TYR B 105 17.97 -12.03 3.90
N LYS B 106 17.44 -11.24 4.83
CA LYS B 106 18.00 -11.03 6.15
C LYS B 106 16.85 -10.96 7.14
N PHE B 107 17.13 -11.28 8.39
CA PHE B 107 16.23 -11.05 9.52
C PHE B 107 16.72 -9.80 10.25
N VAL B 108 15.84 -8.83 10.43
CA VAL B 108 16.24 -7.58 11.07
C VAL B 108 15.24 -7.21 12.14
N ARG B 109 15.71 -6.46 13.13
CA ARG B 109 14.86 -5.95 14.19
C ARG B 109 14.75 -4.45 13.98
N ILE B 110 13.53 -3.96 13.78
CA ILE B 110 13.36 -2.56 13.45
C ILE B 110 13.15 -1.76 14.73
N GLN B 111 13.30 -0.46 14.59
CA GLN B 111 13.04 0.47 15.68
C GLN B 111 11.65 1.07 15.57
N PRO B 112 11.06 1.52 16.66
CA PRO B 112 9.83 2.29 16.57
C PRO B 112 10.00 3.48 15.65
N GLY B 113 8.94 3.81 14.92
CA GLY B 113 8.96 4.81 13.89
C GLY B 113 9.29 4.29 12.51
N GLN B 114 9.97 3.15 12.41
CA GLN B 114 10.27 2.59 11.11
C GLN B 114 9.02 1.98 10.48
N THR B 115 8.97 2.01 9.16
CA THR B 115 7.83 1.49 8.42
C THR B 115 8.24 0.21 7.73
N PHE B 116 7.23 -0.55 7.35
CA PHE B 116 7.46 -1.80 6.64
C PHE B 116 6.17 -2.18 5.96
N SER B 117 6.27 -3.10 5.01
CA SER B 117 5.10 -3.62 4.33
C SER B 117 4.65 -4.90 5.00
N VAL B 118 3.33 -5.05 5.11
CA VAL B 118 2.74 -6.29 5.63
C VAL B 118 2.02 -7.01 4.50
N LEU B 119 2.33 -8.30 4.32
CA LEU B 119 1.59 -9.14 3.39
C LEU B 119 0.60 -9.95 4.22
N ALA B 120 -0.65 -9.49 4.25
CA ALA B 120 -1.65 -10.15 5.05
C ALA B 120 -2.06 -11.43 4.37
N CYS B 121 -1.96 -12.55 5.08
CA CYS B 121 -2.24 -13.88 4.53
C CYS B 121 -3.23 -14.66 5.38
N TYR B 122 -3.97 -15.54 4.72
CA TYR B 122 -4.89 -16.45 5.38
C TYR B 122 -4.76 -17.83 4.74
N ASN B 123 -4.54 -18.85 5.57
CA ASN B 123 -4.35 -20.21 5.08
C ASN B 123 -3.23 -20.27 4.03
N GLY B 124 -2.18 -19.49 4.27
CA GLY B 124 -1.04 -19.50 3.40
C GLY B 124 -1.20 -18.72 2.12
N SER B 125 -2.37 -18.09 1.93
CA SER B 125 -2.67 -17.39 0.70
C SER B 125 -2.74 -15.89 0.94
N PRO B 126 -2.00 -15.11 0.15
CA PRO B 126 -1.98 -13.66 0.35
C PRO B 126 -3.28 -12.98 -0.03
N SER B 127 -3.70 -12.06 0.83
CA SER B 127 -4.92 -11.30 0.63
C SER B 127 -4.63 -9.87 0.20
N GLY B 128 -3.63 -9.24 0.78
CA GLY B 128 -3.37 -7.85 0.47
C GLY B 128 -2.05 -7.41 1.06
N VAL B 129 -1.57 -6.26 0.58
CA VAL B 129 -0.32 -5.71 1.07
C VAL B 129 -0.52 -4.25 1.41
N TYR B 130 0.05 -3.83 2.54
CA TYR B 130 -0.13 -2.46 3.01
C TYR B 130 1.08 -2.05 3.85
N GLN B 131 1.26 -0.75 3.96
CA GLN B 131 2.38 -0.16 4.66
C GLN B 131 1.97 0.17 6.10
N CYS B 132 2.82 -0.21 7.05
CA CYS B 132 2.61 -0.03 8.49
C CYS B 132 3.78 0.74 9.06
N ALA B 133 3.53 1.51 10.13
CA ALA B 133 4.59 2.06 10.95
C ALA B 133 4.57 1.40 12.32
N MET B 134 5.76 1.02 12.80
CA MET B 134 5.87 0.59 14.20
C MET B 134 5.70 1.81 15.09
N ARG B 135 4.65 1.80 15.91
CA ARG B 135 4.42 2.94 16.80
C ARG B 135 5.47 2.96 17.92
N PRO B 136 5.65 4.11 18.58
CA PRO B 136 6.61 4.16 19.69
C PRO B 136 6.25 3.24 20.84
N ASN B 137 4.98 2.88 21.02
CA ASN B 137 4.59 1.89 22.01
C ASN B 137 4.64 0.45 21.49
N PHE B 138 5.30 0.21 20.35
CA PHE B 138 5.54 -1.13 19.82
C PHE B 138 4.27 -1.89 19.45
N THR B 139 3.29 -1.18 18.93
CA THR B 139 2.12 -1.74 18.31
C THR B 139 2.09 -1.28 16.85
N ILE B 140 1.34 -1.98 16.02
CA ILE B 140 1.06 -1.49 14.69
C ILE B 140 -0.46 -1.43 14.51
N LYS B 141 -0.89 -0.50 13.66
CA LYS B 141 -2.29 -0.37 13.29
C LYS B 141 -2.50 -1.15 12.00
N GLY B 142 -2.68 -2.45 12.14
CA GLY B 142 -2.81 -3.33 11.00
C GLY B 142 -4.26 -3.55 10.62
N SER B 143 -4.44 -4.42 9.65
CA SER B 143 -5.73 -5.03 9.31
C SER B 143 -5.48 -6.53 9.37
N PHE B 144 -5.95 -7.16 10.44
CA PHE B 144 -5.68 -8.56 10.69
C PHE B 144 -6.95 -9.21 11.22
N LEU B 145 -7.38 -10.28 10.58
CA LEU B 145 -8.51 -11.05 11.04
C LEU B 145 -8.03 -12.37 11.64
N ASN B 146 -8.96 -13.17 12.16
CA ASN B 146 -8.62 -14.52 12.57
C ASN B 146 -7.92 -15.23 11.43
N GLY B 147 -6.86 -16.00 11.77
CA GLY B 147 -6.10 -16.72 10.78
C GLY B 147 -4.95 -15.95 10.14
N SER B 148 -4.72 -14.72 10.55
CA SER B 148 -3.66 -13.90 9.95
C SER B 148 -2.31 -14.10 10.61
N CYS B 149 -2.23 -14.78 11.74
CA CYS B 149 -0.95 -14.92 12.40
C CYS B 149 0.04 -15.65 11.50
N GLY B 150 1.30 -15.24 11.63
CA GLY B 150 2.34 -15.71 10.74
C GLY B 150 2.55 -14.87 9.51
N SER B 151 1.61 -13.98 9.20
CA SER B 151 1.86 -12.93 8.20
C SER B 151 3.07 -12.13 8.63
N VAL B 152 3.85 -11.67 7.64
CA VAL B 152 5.12 -11.03 7.95
C VAL B 152 5.15 -9.60 7.42
N GLY B 153 6.03 -8.83 8.06
CA GLY B 153 6.38 -7.49 7.62
C GLY B 153 7.80 -7.46 7.11
N PHE B 154 8.05 -6.59 6.13
CA PHE B 154 9.34 -6.62 5.43
C PHE B 154 9.62 -5.28 4.76
N ASN B 155 10.91 -5.08 4.48
CA ASN B 155 11.41 -4.04 3.59
C ASN B 155 12.26 -4.71 2.51
N ILE B 156 12.42 -4.07 1.36
CA ILE B 156 13.21 -4.62 0.26
C ILE B 156 14.23 -3.57 -0.14
N ASP B 157 15.51 -3.94 -0.11
CA ASP B 157 16.62 -3.08 -0.54
C ASP B 157 17.34 -3.81 -1.67
N TYR B 158 17.32 -3.21 -2.86
CA TYR B 158 17.88 -3.83 -4.05
C TYR B 158 17.28 -5.22 -4.23
N ASP B 159 18.07 -6.27 -4.07
CA ASP B 159 17.58 -7.62 -4.27
C ASP B 159 17.10 -8.28 -2.96
N CYS B 160 17.30 -7.63 -1.83
CA CYS B 160 17.33 -8.30 -0.53
C CYS B 160 16.08 -7.99 0.27
N VAL B 161 15.40 -9.03 0.72
CA VAL B 161 14.22 -8.86 1.56
C VAL B 161 14.68 -8.90 3.02
N SER B 162 14.43 -7.81 3.76
CA SER B 162 14.68 -7.75 5.19
C SER B 162 13.37 -7.98 5.92
N PHE B 163 13.22 -9.17 6.50
CA PHE B 163 12.05 -9.52 7.27
C PHE B 163 12.17 -8.96 8.68
N CYS B 164 11.15 -8.22 9.14
CA CYS B 164 11.24 -7.55 10.43
C CYS B 164 10.08 -7.83 11.38
N TYR B 165 8.99 -8.44 10.92
CA TYR B 165 7.82 -8.60 11.76
C TYR B 165 7.12 -9.90 11.40
N MET B 166 6.62 -10.59 12.42
CA MET B 166 5.68 -11.70 12.26
C MET B 166 4.51 -11.44 13.19
N HIS B 167 3.30 -11.64 12.69
CA HIS B 167 2.11 -11.28 13.44
C HIS B 167 1.66 -12.35 14.43
N HIS B 168 1.36 -11.92 15.66
CA HIS B 168 0.89 -12.85 16.70
C HIS B 168 -0.42 -12.49 17.39
N MET B 169 -0.80 -11.22 17.58
CA MET B 169 -1.95 -10.98 18.43
CA MET B 169 -1.95 -10.98 18.43
C MET B 169 -2.52 -9.57 18.28
N GLU B 170 -3.70 -9.40 18.85
CA GLU B 170 -4.44 -8.16 18.92
C GLU B 170 -4.57 -7.75 20.37
N LEU B 171 -4.55 -6.46 20.60
CA LEU B 171 -4.75 -5.90 21.92
C LEU B 171 -6.18 -5.42 22.04
N PRO B 172 -6.67 -5.20 23.25
CA PRO B 172 -8.09 -4.83 23.39
C PRO B 172 -8.44 -3.51 22.73
N THR B 173 -7.46 -2.64 22.49
CA THR B 173 -7.68 -1.37 21.80
C THR B 173 -7.74 -1.51 20.27
N GLY B 174 -7.63 -2.72 19.71
CA GLY B 174 -7.74 -2.89 18.28
C GLY B 174 -6.42 -2.89 17.54
N VAL B 175 -5.31 -2.58 18.20
CA VAL B 175 -4.00 -2.56 17.57
C VAL B 175 -3.35 -3.93 17.69
N HIS B 176 -2.17 -4.08 17.10
CA HIS B 176 -1.59 -5.39 16.85
C HIS B 176 -0.17 -5.46 17.36
N ALA B 177 0.25 -6.67 17.75
CA ALA B 177 1.55 -6.89 18.33
C ALA B 177 2.14 -8.19 17.76
N GLY B 178 3.47 -8.23 17.74
CA GLY B 178 4.15 -9.35 17.13
C GLY B 178 5.64 -9.34 17.43
N THR B 179 6.35 -10.19 16.71
CA THR B 179 7.75 -10.46 17.00
C THR B 179 8.61 -10.12 15.80
N ASP B 180 9.93 -10.14 16.01
CA ASP B 180 10.83 -10.25 14.88
C ASP B 180 10.94 -11.72 14.47
N LEU B 181 11.79 -12.03 13.49
CA LEU B 181 11.85 -13.39 12.97
C LEU B 181 12.72 -14.28 13.84
N GLU B 182 13.30 -13.74 14.90
CA GLU B 182 13.90 -14.53 15.97
C GLU B 182 12.91 -14.79 17.11
N GLY B 183 11.66 -14.40 16.96
CA GLY B 183 10.65 -14.71 17.92
C GLY B 183 10.61 -13.80 19.13
N ASN B 184 11.36 -12.69 19.11
CA ASN B 184 11.36 -11.73 20.22
C ASN B 184 10.31 -10.65 19.98
N PHE B 185 9.36 -10.53 20.90
CA PHE B 185 8.30 -9.55 20.77
C PHE B 185 8.89 -8.14 20.72
N TYR B 186 8.30 -7.33 19.86
CA TYR B 186 8.38 -5.89 20.02
C TYR B 186 7.47 -5.47 21.16
N GLY B 187 8.02 -4.71 22.10
CA GLY B 187 7.24 -4.23 23.22
C GLY B 187 7.04 -5.25 24.33
N PRO B 188 6.32 -4.85 25.36
CA PRO B 188 6.18 -5.65 26.57
C PRO B 188 5.03 -6.64 26.49
N PHE B 189 4.94 -7.37 25.39
CA PHE B 189 3.81 -8.25 25.14
C PHE B 189 4.27 -9.70 25.18
N VAL B 190 3.30 -10.59 25.45
CA VAL B 190 3.53 -12.03 25.54
C VAL B 190 2.42 -12.72 24.77
N ASP B 191 2.73 -13.91 24.24
CA ASP B 191 1.77 -14.65 23.42
C ASP B 191 0.90 -15.56 24.31
N ARG B 192 0.03 -14.88 25.05
CA ARG B 192 -1.00 -15.46 25.88
C ARG B 192 -2.29 -14.70 25.58
N GLN B 193 -3.40 -15.43 25.52
CA GLN B 193 -4.69 -14.83 25.24
C GLN B 193 -5.21 -14.12 26.49
N THR B 194 -4.49 -13.06 26.87
CA THR B 194 -4.83 -12.18 27.98
C THR B 194 -4.90 -10.74 27.49
N ALA B 195 -5.61 -9.91 28.25
CA ALA B 195 -5.71 -8.48 27.95
C ALA B 195 -4.40 -7.82 28.33
N GLN B 196 -3.75 -7.20 27.38
CA GLN B 196 -2.48 -6.55 27.63
C GLN B 196 -2.59 -5.14 27.12
N ALA B 197 -1.98 -4.22 27.85
CA ALA B 197 -2.07 -2.80 27.58
C ALA B 197 -0.77 -2.31 26.99
N ALA B 198 -0.86 -1.55 25.91
CA ALA B 198 0.33 -0.89 25.41
C ALA B 198 0.54 0.42 26.16
N GLY B 199 1.79 0.89 26.17
CA GLY B 199 2.05 2.22 26.67
C GLY B 199 1.26 3.28 25.92
N THR B 200 1.06 4.42 26.56
CA THR B 200 0.43 5.52 25.85
C THR B 200 1.27 5.85 24.63
N ASP B 201 0.61 5.96 23.48
CA ASP B 201 1.37 6.18 22.27
C ASP B 201 1.77 7.64 22.14
N THR B 202 2.73 7.88 21.26
CA THR B 202 3.27 9.21 21.03
C THR B 202 3.50 9.41 19.55
N THR B 203 3.71 10.66 19.14
CA THR B 203 3.93 11.01 17.75
C THR B 203 5.39 10.78 17.37
N ILE B 204 5.58 10.25 16.15
CA ILE B 204 6.91 9.86 15.68
C ILE B 204 7.60 11.10 15.10
N THR B 205 8.33 11.79 15.97
CA THR B 205 8.93 13.09 15.63
C THR B 205 9.79 13.02 14.39
N VAL B 206 10.65 12.01 14.27
CA VAL B 206 11.55 11.98 13.12
C VAL B 206 10.78 11.90 11.82
N ASN B 207 9.62 11.26 11.82
CA ASN B 207 8.80 11.14 10.62
C ASN B 207 8.06 12.45 10.34
N VAL B 208 7.61 13.14 11.39
CA VAL B 208 7.05 14.47 11.17
C VAL B 208 8.09 15.38 10.53
N LEU B 209 9.33 15.34 11.02
CA LEU B 209 10.37 16.15 10.40
C LEU B 209 10.58 15.75 8.95
N ALA B 210 10.54 14.44 8.65
CA ALA B 210 10.66 14.02 7.25
C ALA B 210 9.57 14.63 6.39
N TRP B 211 8.34 14.66 6.91
CA TRP B 211 7.19 15.20 6.23
C TRP B 211 7.37 16.68 5.96
N LEU B 212 7.90 17.41 6.95
CA LEU B 212 8.21 18.84 6.75
C LEU B 212 9.29 19.04 5.68
N TYR B 213 10.30 18.19 5.65
CA TYR B 213 11.28 18.27 4.57
C TYR B 213 10.61 18.03 3.23
N ALA B 214 9.71 17.05 3.16
CA ALA B 214 8.97 16.77 1.93
C ALA B 214 8.17 17.99 1.49
N ALA B 215 7.52 18.66 2.43
CA ALA B 215 6.80 19.89 2.13
C ALA B 215 7.73 20.94 1.51
N VAL B 216 8.89 21.17 2.14
CA VAL B 216 9.86 22.12 1.58
C VAL B 216 10.25 21.74 0.16
N ILE B 217 10.56 20.46 -0.08
CA ILE B 217 10.99 19.98 -1.40
C ILE B 217 9.94 20.34 -2.45
N ASN B 218 8.68 20.32 -2.07
CA ASN B 218 7.55 20.63 -2.95
C ASN B 218 7.14 22.09 -2.92
N GLY B 219 7.92 22.96 -2.31
CA GLY B 219 7.68 24.38 -2.37
C GLY B 219 6.78 24.95 -1.28
N ASP B 220 6.37 24.12 -0.31
CA ASP B 220 5.47 24.55 0.75
C ASP B 220 6.34 24.75 2.00
N ARG B 221 6.70 26.01 2.26
CA ARG B 221 7.72 26.28 3.26
C ARG B 221 7.40 27.47 4.17
N TRP B 222 6.13 27.86 4.33
CA TRP B 222 5.79 29.01 5.15
C TRP B 222 6.23 28.87 6.60
N PHE B 223 6.41 27.64 7.08
CA PHE B 223 6.71 27.36 8.48
C PHE B 223 8.18 27.45 8.83
N LEU B 224 9.07 27.66 7.87
CA LEU B 224 10.47 27.82 8.20
C LEU B 224 10.69 29.15 8.93
N ASN B 225 11.34 29.09 10.09
CA ASN B 225 11.61 30.30 10.87
C ASN B 225 13.11 30.58 10.88
N ARG B 226 13.47 31.58 11.68
CA ARG B 226 14.80 32.19 11.63
C ARG B 226 15.73 31.62 12.69
N PHE B 227 15.31 30.55 13.36
CA PHE B 227 15.93 30.18 14.61
C PHE B 227 16.37 28.73 14.60
N THR B 228 16.98 28.34 15.71
CA THR B 228 17.47 26.99 15.87
C THR B 228 17.26 26.61 17.31
N THR B 229 17.62 25.38 17.64
CA THR B 229 17.44 24.82 18.97
C THR B 229 18.56 23.82 19.19
N THR B 230 18.81 23.52 20.46
CA THR B 230 19.60 22.34 20.76
C THR B 230 18.70 21.11 20.73
N LEU B 231 19.33 19.97 20.49
CA LEU B 231 18.60 18.71 20.50
C LEU B 231 17.96 18.47 21.87
N ASN B 232 18.69 18.75 22.94
CA ASN B 232 18.13 18.49 24.27
C ASN B 232 16.96 19.42 24.57
N ASP B 233 17.08 20.71 24.25
CA ASP B 233 15.97 21.62 24.47
C ASP B 233 14.75 21.17 23.68
N PHE B 234 14.96 20.79 22.42
CA PHE B 234 13.86 20.31 21.61
C PHE B 234 13.21 19.09 22.24
N ASN B 235 14.01 18.12 22.67
CA ASN B 235 13.43 16.89 23.23
C ASN B 235 12.57 17.18 24.45
N LEU B 236 13.01 18.09 25.33
CA LEU B 236 12.23 18.40 26.51
C LEU B 236 10.90 19.05 26.16
N VAL B 237 10.89 19.95 25.18
CA VAL B 237 9.62 20.52 24.69
C VAL B 237 8.77 19.45 24.02
N ALA B 238 9.35 18.67 23.11
CA ALA B 238 8.58 17.64 22.41
C ALA B 238 7.76 16.76 23.35
N MET B 239 8.37 16.28 24.42
CA MET B 239 7.70 15.39 25.36
C MET B 239 6.44 16.02 25.95
N LYS B 240 6.41 17.35 26.10
CA LYS B 240 5.22 17.99 26.65
C LYS B 240 4.06 17.97 25.69
N TYR B 241 4.33 17.72 24.40
CA TYR B 241 3.30 17.62 23.37
C TYR B 241 3.08 16.17 22.92
N ASN B 242 3.55 15.20 23.71
CA ASN B 242 3.40 13.79 23.42
C ASN B 242 4.10 13.43 22.11
N TYR B 243 5.21 14.08 21.82
CA TYR B 243 6.09 13.73 20.71
C TYR B 243 7.28 12.94 21.26
N GLU B 244 7.72 11.95 20.50
CA GLU B 244 8.91 11.20 20.85
C GLU B 244 10.15 12.07 20.87
N PRO B 245 11.07 11.87 21.80
CA PRO B 245 12.36 12.54 21.70
C PRO B 245 13.17 11.96 20.54
N LEU B 246 13.98 12.82 19.98
CA LEU B 246 14.88 12.41 18.92
C LEU B 246 16.12 11.72 19.49
N THR B 247 16.59 10.72 18.75
CA THR B 247 17.86 10.07 19.01
C THR B 247 18.93 10.58 18.04
N GLN B 248 20.19 10.22 18.33
CA GLN B 248 21.28 10.55 17.43
C GLN B 248 21.07 9.87 16.08
N ASP B 249 20.50 8.66 16.07
CA ASP B 249 20.23 7.96 14.82
C ASP B 249 19.16 8.68 14.01
N HIS B 250 18.16 9.26 14.68
CA HIS B 250 17.18 10.10 13.98
C HIS B 250 17.84 11.29 13.30
N VAL B 251 18.72 11.98 14.01
CA VAL B 251 19.40 13.12 13.41
C VAL B 251 20.16 12.66 12.16
N ASP B 252 20.79 11.50 12.24
CA ASP B 252 21.58 11.01 11.12
C ASP B 252 20.71 10.60 9.95
N ILE B 253 19.54 9.99 10.20
CA ILE B 253 18.75 9.51 9.06
C ILE B 253 18.03 10.67 8.36
N LEU B 254 17.94 11.82 8.99
CA LEU B 254 17.48 13.04 8.33
C LEU B 254 18.57 13.73 7.52
N GLY B 255 19.79 13.22 7.52
CA GLY B 255 20.90 13.79 6.78
C GLY B 255 20.62 14.04 5.32
N PRO B 256 20.22 13.01 4.57
CA PRO B 256 19.96 13.20 3.13
C PRO B 256 18.95 14.31 2.86
N LEU B 257 17.85 14.37 3.62
CA LEU B 257 16.85 15.42 3.37
C LEU B 257 17.38 16.79 3.76
N SER B 258 18.14 16.85 4.86
CA SER B 258 18.78 18.11 5.23
C SER B 258 19.71 18.59 4.12
N ALA B 259 20.44 17.68 3.52
CA ALA B 259 21.36 18.06 2.43
C ALA B 259 20.60 18.47 1.18
N GLN B 260 19.50 17.79 0.87
CA GLN B 260 18.72 18.12 -0.32
C GLN B 260 18.11 19.50 -0.23
N THR B 261 17.73 19.93 0.99
CA THR B 261 17.04 21.20 1.19
C THR B 261 17.95 22.31 1.72
N GLY B 262 19.12 21.98 2.26
CA GLY B 262 19.95 22.98 2.88
C GLY B 262 19.49 23.44 4.25
N ILE B 263 18.47 22.80 4.79
CA ILE B 263 17.91 23.14 6.10
C ILE B 263 18.50 22.18 7.13
N ALA B 264 19.29 22.73 8.05
CA ALA B 264 19.86 21.91 9.10
C ALA B 264 18.77 21.25 9.93
N VAL B 265 19.07 20.05 10.42
CA VAL B 265 18.10 19.28 11.21
C VAL B 265 17.57 20.09 12.39
N LEU B 266 18.48 20.74 13.15
CA LEU B 266 18.08 21.48 14.34
C LEU B 266 17.31 22.74 13.99
N ASP B 267 17.54 23.31 12.80
CA ASP B 267 16.69 24.40 12.36
C ASP B 267 15.29 23.91 12.05
N MET B 268 15.16 22.75 11.38
CA MET B 268 13.82 22.22 11.18
C MET B 268 13.16 21.87 12.52
N CYS B 269 13.93 21.36 13.48
CA CYS B 269 13.39 21.14 14.84
C CYS B 269 12.84 22.42 15.43
N ALA B 270 13.54 23.55 15.25
CA ALA B 270 13.03 24.81 15.77
C ALA B 270 11.74 25.21 15.08
N SER B 271 11.64 24.96 13.78
CA SER B 271 10.38 25.20 13.07
C SER B 271 9.25 24.32 13.62
N LEU B 272 9.52 23.03 13.86
CA LEU B 272 8.49 22.16 14.39
C LEU B 272 8.07 22.59 15.80
N LYS B 273 9.05 22.95 16.64
CA LYS B 273 8.76 23.47 17.97
C LYS B 273 7.78 24.63 17.90
N GLU B 274 8.01 25.56 16.96
CA GLU B 274 7.09 26.69 16.86
C GLU B 274 5.70 26.23 16.46
N LEU B 275 5.60 25.25 15.54
CA LEU B 275 4.30 24.73 15.14
C LEU B 275 3.56 24.12 16.33
N LEU B 276 4.29 23.44 17.20
CA LEU B 276 3.67 22.82 18.38
C LEU B 276 3.17 23.87 19.35
N GLN B 277 3.97 24.91 19.58
CA GLN B 277 3.60 25.93 20.57
C GLN B 277 2.51 26.86 20.07
N ASN B 278 2.40 27.11 18.76
CA ASN B 278 1.45 28.07 18.22
C ASN B 278 0.33 27.45 17.40
N GLY B 279 0.48 26.22 16.95
CA GLY B 279 -0.52 25.65 16.07
C GLY B 279 -0.29 26.08 14.64
N MET B 280 -1.20 25.63 13.78
CA MET B 280 -1.13 25.95 12.37
C MET B 280 -1.76 27.29 12.03
N ASN B 281 -2.43 27.93 12.99
CA ASN B 281 -3.10 29.21 12.75
C ASN B 281 -3.94 29.15 11.47
N GLY B 282 -4.61 28.02 11.28
CA GLY B 282 -5.50 27.82 10.14
C GLY B 282 -4.83 27.29 8.90
N ARG B 283 -3.51 27.41 8.80
CA ARG B 283 -2.79 27.06 7.59
C ARG B 283 -2.67 25.54 7.44
N THR B 284 -2.30 25.12 6.24
CA THR B 284 -2.05 23.72 5.95
C THR B 284 -0.63 23.53 5.45
N ILE B 285 -0.17 22.28 5.59
CA ILE B 285 1.10 21.82 5.06
C ILE B 285 0.80 20.60 4.20
N LEU B 286 1.28 20.63 2.94
CA LEU B 286 0.98 19.59 1.96
C LEU B 286 -0.53 19.30 1.91
N GLY B 287 -1.33 20.36 2.03
CA GLY B 287 -2.77 20.22 1.89
C GLY B 287 -3.44 19.54 3.06
N SER B 288 -2.89 19.68 4.26
CA SER B 288 -3.41 18.99 5.43
C SER B 288 -3.20 19.86 6.65
N ALA B 289 -4.21 19.90 7.51
CA ALA B 289 -4.08 20.61 8.76
C ALA B 289 -3.41 19.77 9.85
N LEU B 290 -3.22 18.48 9.59
CA LEU B 290 -2.58 17.57 10.52
C LEU B 290 -1.18 17.22 10.02
N LEU B 291 -0.25 17.05 10.96
CA LEU B 291 1.10 16.62 10.62
C LEU B 291 1.15 15.10 10.55
N GLU B 292 1.71 14.58 9.46
CA GLU B 292 1.77 13.15 9.19
C GLU B 292 3.02 12.56 9.85
N ASP B 293 2.87 11.42 10.54
CA ASP B 293 4.02 10.80 11.21
C ASP B 293 4.28 9.36 10.79
N GLU B 294 3.73 8.88 9.67
CA GLU B 294 4.03 7.51 9.23
C GLU B 294 4.77 7.47 7.89
N PHE B 295 5.38 8.56 7.45
CA PHE B 295 6.38 8.50 6.38
C PHE B 295 7.76 8.73 6.96
N THR B 296 8.66 7.78 6.79
CA THR B 296 10.04 7.90 7.23
C THR B 296 10.84 8.77 6.28
N PRO B 297 12.05 9.17 6.67
CA PRO B 297 12.93 9.87 5.72
C PRO B 297 13.22 9.03 4.46
N PHE B 298 13.37 7.72 4.59
CA PHE B 298 13.55 6.90 3.40
C PHE B 298 12.30 6.88 2.54
N ASP B 299 11.12 6.80 3.16
CA ASP B 299 9.88 6.77 2.40
C ASP B 299 9.70 8.06 1.61
N VAL B 300 10.07 9.21 2.20
CA VAL B 300 10.00 10.48 1.47
C VAL B 300 10.93 10.46 0.26
N VAL B 301 12.20 10.09 0.47
CA VAL B 301 13.17 10.14 -0.61
C VAL B 301 12.73 9.25 -1.78
N ARG B 302 12.09 8.12 -1.49
CA ARG B 302 11.58 7.25 -2.55
C ARG B 302 10.56 7.97 -3.43
N GLN B 303 9.54 8.55 -2.81
CA GLN B 303 8.45 9.13 -3.60
C GLN B 303 8.81 10.49 -4.19
N CYS B 304 9.69 11.25 -3.56
CA CYS B 304 10.05 12.56 -4.10
C CYS B 304 11.02 12.43 -5.26
N SER B 305 12.04 11.60 -5.10
CA SER B 305 13.18 11.61 -5.99
C SER B 305 13.55 10.19 -6.38
C02 Y7M C . 3.87 14.12 -19.60
C04 Y7M C . 4.31 12.16 -20.97
C05 Y7M C . 4.66 11.80 -22.46
C06 Y7M C . 3.46 12.16 -23.39
C07 Y7M C . 2.25 11.24 -23.16
C08 Y7M C . 3.89 12.11 -24.86
C09 Y7M C . 5.29 11.51 -20.01
C11 Y7M C . 5.90 9.71 -18.43
C12 Y7M C . 5.18 9.75 -17.01
C13 Y7M C . 5.06 11.19 -16.48
C14 Y7M C . 4.45 11.20 -15.10
C16 Y7M C . 6.33 12.51 -14.94
C17 Y7M C . 6.47 11.81 -16.23
C19 Y7M C . 6.13 8.25 -18.93
C23 Y7M C . 3.59 15.93 -18.12
C24 Y7M C . 3.64 17.50 -18.23
C25 Y7M C . 5.07 17.95 -18.54
C26 Y7M C . 5.20 19.47 -18.58
C27 Y7M C . 4.66 20.05 -17.27
C28 Y7M C . 3.19 19.64 -17.00
C29 Y7M C . 3.08 18.11 -16.96
C30 Y7M C . 2.31 20.12 -18.17
C31 Y7M C . 2.85 19.58 -19.53
C32 Y7M C . 2.80 18.02 -19.45
C33 Y7M C . 4.32 20.02 -19.73
N03 Y7M C . 4.38 13.61 -20.76
N10 Y7M C . 4.99 10.34 -19.38
N15 Y7M C . 5.18 11.97 -14.19
O01 Y7M C . 3.41 13.40 -18.68
O18 Y7M C . 3.40 10.65 -14.72
O20 Y7M C . 7.12 7.66 -18.06
O21 Y7M C . 6.38 12.09 -19.72
O22 Y7M C . 3.84 15.46 -19.45
C02 Y4V D . 3.98 14.03 -19.52
C04 Y4V D . 4.30 12.08 -21.05
C05 Y4V D . 4.58 11.82 -22.59
C06 Y4V D . 3.49 12.47 -23.51
C07 Y4V D . 2.04 12.14 -23.08
C08 Y4V D . 3.73 12.05 -24.98
C09 Y4V D . 5.37 11.35 -20.16
C11 Y4V D . 6.01 9.65 -18.36
C12 Y4V D . 5.44 9.71 -16.88
C13 Y4V D . 5.23 11.16 -16.41
C14 Y4V D . 4.62 11.16 -15.02
C16 Y4V D . 6.38 12.64 -14.94
C17 Y4V D . 6.58 11.89 -16.19
C19 Y4V D . 6.18 8.14 -18.79
C23 Y4V D . 3.65 15.89 -18.05
C24 Y4V D . 3.64 17.48 -18.22
C25 Y4V D . 5.05 17.96 -18.53
C26 Y4V D . 5.16 19.50 -18.57
C27 Y4V D . 4.61 20.10 -17.28
C28 Y4V D . 3.16 19.65 -17.00
C29 Y4V D . 3.06 18.12 -16.96
C30 Y4V D . 2.27 20.12 -18.19
C31 Y4V D . 2.81 19.55 -19.54
C32 Y4V D . 2.76 17.98 -19.42
C33 Y4V D . 4.27 20.01 -19.73
N03 Y4V D . 4.31 13.54 -20.79
N10 Y4V D . 5.02 10.36 -19.23
N15 Y4V D . 5.29 12.01 -14.14
O01 Y4V D . 3.24 13.39 -18.75
O18 Y4V D . 3.64 10.49 -14.63
O20 Y4V D . 6.83 8.19 -20.09
O21 Y4V D . 6.59 11.66 -20.28
O22 Y4V D . 4.46 15.24 -19.06
CAC FLC E . 10.60 -38.68 12.61
CA FLC E . 10.87 -38.61 14.09
CB FLC E . 9.61 -38.41 14.97
CBC FLC E . 8.42 -39.22 14.44
CG FLC E . 9.26 -36.91 14.98
CGC FLC E . 9.84 -36.15 16.16
OA1 FLC E . 10.32 -37.53 12.06
OA2 FLC E . 10.66 -39.72 11.97
OB1 FLC E . 7.88 -39.99 15.35
OB2 FLC E . 8.03 -39.15 13.29
OG1 FLC E . 9.22 -35.99 17.19
OG2 FLC E . 11.06 -35.68 15.98
OHB FLC E . 9.89 -38.83 16.30
C02 Y7M F . -5.15 -12.67 20.72
C04 Y7M F . -3.88 -14.58 19.74
C05 Y7M F . -3.43 -16.03 20.18
C06 Y7M F . -2.61 -16.01 21.52
C07 Y7M F . -1.31 -15.19 21.38
C08 Y7M F . -2.29 -17.45 22.00
C09 Y7M F . -4.59 -14.65 18.37
C11 Y7M F . -4.45 -14.44 15.86
C12 Y7M F . -4.47 -12.97 15.29
C13 Y7M F . -5.55 -12.15 16.00
C14 Y7M F . -5.56 -10.70 15.52
C16 Y7M F . -7.74 -11.43 15.41
C17 Y7M F . -6.96 -12.66 15.61
C19 Y7M F . -3.50 -15.36 14.99
C23 Y7M F . -6.86 -11.04 21.28
C24 Y7M F . -7.75 -10.73 22.56
C25 Y7M F . -8.94 -11.67 22.57
C26 Y7M F . -9.85 -11.40 23.79
C27 Y7M F . -10.26 -9.93 23.83
C28 Y7M F . -9.03 -9.00 23.86
C29 Y7M F . -8.12 -9.25 22.66
C30 Y7M F . -8.18 -9.32 25.12
C31 Y7M F . -7.77 -10.82 25.15
C32 Y7M F . -6.92 -11.09 23.87
C33 Y7M F . -9.04 -11.71 25.07
N03 Y7M F . -4.76 -14.01 20.79
N10 Y7M F . -3.88 -14.38 17.21
N15 Y7M F . -6.84 -10.26 15.16
O01 Y7M F . -4.79 -11.94 19.77
O18 Y7M F . -4.58 -9.92 15.44
O20 Y7M F . -4.09 -15.51 13.68
O21 Y7M F . -5.81 -14.95 18.31
O22 Y7M F . -5.95 -12.10 21.68
C02 Y4V G . -5.46 -12.85 20.46
C04 Y4V G . -3.80 -14.64 19.76
C05 Y4V G . -3.33 -16.08 20.26
C06 Y4V G . -2.57 -16.04 21.63
C07 Y4V G . -1.33 -15.12 21.58
C08 Y4V G . -2.18 -17.47 22.09
C09 Y4V G . -4.44 -14.78 18.33
C11 Y4V G . -4.46 -14.36 15.82
C12 Y4V G . -4.57 -12.92 15.19
C13 Y4V G . -5.66 -12.08 15.86
C14 Y4V G . -5.76 -10.70 15.22
C16 Y4V G . -7.92 -11.48 15.35
C17 Y4V G . -7.07 -12.67 15.60
C19 Y4V G . -3.54 -15.28 14.91
C23 Y4V G . -6.97 -11.08 21.17
C24 Y4V G . -7.80 -10.75 22.51
C25 Y4V G . -9.01 -11.69 22.56
C26 Y4V G . -9.91 -11.43 23.78
C27 Y4V G . -10.33 -9.96 23.83
C28 Y4V G . -9.10 -9.02 23.83
C29 Y4V G . -8.20 -9.28 22.61
C30 Y4V G . -8.24 -9.33 25.09
C31 Y4V G . -7.81 -10.83 25.11
C32 Y4V G . -6.96 -11.08 23.81
C33 Y4V G . -9.09 -11.71 25.06
N03 Y4V G . -4.74 -14.04 20.75
N10 Y4V G . -3.87 -14.23 17.18
N15 Y4V G . -7.07 -10.34 14.91
O01 Y4V G . -5.06 -12.07 19.58
O18 Y4V G . -4.82 -9.91 14.96
O20 Y4V G . -3.55 -16.56 15.58
O21 Y4V G . -5.52 -15.45 18.21
O22 Y4V G . -6.63 -12.50 21.13
O1 PG4 H . 2.52 -21.09 -2.88
C1 PG4 H . 3.37 -19.98 -2.58
C2 PG4 H . 4.66 -20.43 -1.96
O2 PG4 H . 5.44 -21.09 -2.95
C3 PG4 H . 6.60 -21.71 -2.42
C4 PG4 H . 7.19 -22.66 -3.40
O3 PG4 H . 6.28 -23.73 -3.55
C5 PG4 H . 6.90 -24.76 -4.32
C6 PG4 H . 6.06 -25.98 -4.17
O4 PG4 H . 6.23 -26.50 -2.86
C7 PG4 H . 5.38 -27.62 -2.60
C8 PG4 H . 5.86 -28.27 -1.34
O5 PG4 H . 7.13 -28.89 -1.57
O1 PG4 I . 18.63 -30.47 10.16
C1 PG4 I . 17.81 -30.74 11.30
C2 PG4 I . 17.55 -32.20 11.45
O2 PG4 I . 16.26 -32.38 11.97
C3 PG4 I . 16.24 -32.49 13.39
C4 PG4 I . 16.59 -31.18 14.01
O3 PG4 I . 15.92 -30.10 13.34
C5 PG4 I . 15.31 -29.31 14.36
C6 PG4 I . 14.61 -28.11 13.79
O4 PG4 I . 15.60 -27.22 13.25
C7 PG4 I . 14.94 -26.05 12.79
C8 PG4 I . 15.99 -25.18 12.15
O5 PG4 I . 16.96 -24.83 13.11
#